data_5O6Y
#
_entry.id   5O6Y
#
_cell.length_a   93.042
_cell.length_b   93.042
_cell.length_c   243.868
_cell.angle_alpha   90.00
_cell.angle_beta   90.00
_cell.angle_gamma   90.00
#
_symmetry.space_group_name_H-M   'P 41 21 2'
#
loop_
_entity.id
_entity.type
_entity.pdbx_description
1 polymer 'Peptidoglycan N-acetylglucosamine deacetylase'
2 polymer 'Peptidoglycan N-acetylglucosamine deacetylase'
3 non-polymer 'SULFATE ION'
4 non-polymer 4-naphthalen-1-yl-~{N}-oxidanyl-benzamide
5 non-polymer 3,6,9,12,15,18,21,24,27,30,33,36,39-TRIDECAOXAHENTETRACONTANE-1,41-DIOL
6 non-polymer DI(HYDROXYETHYL)ETHER
7 non-polymer 2-(2-METHOXYETHOXY)ETHANOL
8 non-polymer 'SODIUM ION'
9 non-polymer 'CHLORIDE ION'
10 non-polymer 'ZINC ION'
11 non-polymer 'DIMETHYL SULFOXIDE'
12 water water
#
loop_
_entity_poly.entity_id
_entity_poly.type
_entity_poly.pdbx_seq_one_letter_code
_entity_poly.pdbx_strand_id
1 'polypeptide(L)'
;WTPFSWVEKYAYAFSGPYNKAEVALTFDDGPDLEFTPKILDKLKQHNVKATFFLLGENAEKFPNIVKRIANEGHVIGNHT
YSHPNLAKVNEDEYRNQIIKTEEILNRLAGYAPKFIRPPYGEILENQLKWATEQNFMIVQWSVDTVDWKGVSADTITNNV
LGNSFPGSVILQHSTPGGHLQGSVDALDKIIPQLKTKGARFVTLPSMFQTSKER
;
A
2 'polypeptide(L)'
;WTPFSWVEKYAYAFSGPYNKAEVALTFDDGPDLEFTPKILDKLKQHNVKATFFLLGENAEKFPNIVKRIANEGHVIGNHT
YSHPNLAKVNEDEYRNQIIKTEEILNRLAGYAPKFIRP(PXU)YGEILENQLKWATEQNFMIVQWSVDTVDWKGVSADTI
TNNVLGNSFPGSVILQHSTPGGHLQGSVDALDKIIPQLKTKGARFVTLPSMFQTSKER
;
B,C,D
#
loop_
_chem_comp.id
_chem_comp.type
_chem_comp.name
_chem_comp.formula
5YA non-polymer 4-naphthalen-1-yl-~{N}-oxidanyl-benzamide 'C17 H13 N O2'
CL non-polymer 'CHLORIDE ION' 'Cl -1'
DMS non-polymer 'DIMETHYL SULFOXIDE' 'C2 H6 O S'
NA non-polymer 'SODIUM ION' 'Na 1'
PE3 non-polymer 3,6,9,12,15,18,21,24,27,30,33,36,39-TRIDECAOXAHENTETRACONTANE-1,41-DIOL 'C28 H58 O15'
PEG non-polymer DI(HYDROXYETHYL)ETHER 'C4 H10 O3'
PG0 non-polymer 2-(2-METHOXYETHOXY)ETHANOL 'C5 H12 O3'
SO4 non-polymer 'SULFATE ION' 'O4 S -2'
ZN non-polymer 'ZINC ION' 'Zn 2'
#
# COMPACT_ATOMS: atom_id res chain seq x y z
N TRP A 1 -34.12 10.50 20.27
CA TRP A 1 -33.09 9.90 19.42
C TRP A 1 -33.11 10.48 18.00
N THR A 2 -32.26 11.48 17.76
CA THR A 2 -32.18 12.15 16.47
C THR A 2 -30.73 12.13 16.00
N PRO A 3 -30.25 10.99 15.50
CA PRO A 3 -28.84 10.91 15.09
C PRO A 3 -28.46 11.93 14.02
N PHE A 4 -29.35 12.23 13.08
CA PHE A 4 -29.01 13.10 11.96
C PHE A 4 -28.75 14.53 12.42
N SER A 5 -29.67 15.11 13.18
CA SER A 5 -29.52 16.50 13.60
C SER A 5 -28.31 16.71 14.50
N TRP A 6 -27.80 15.65 15.13
CA TRP A 6 -26.68 15.78 16.05
C TRP A 6 -25.35 16.05 15.35
N VAL A 7 -25.21 15.63 14.09
CA VAL A 7 -23.96 15.86 13.39
C VAL A 7 -23.76 17.33 13.08
N GLU A 8 -24.84 18.13 13.08
CA GLU A 8 -24.74 19.57 12.91
C GLU A 8 -24.54 20.30 14.23
N LYS A 9 -24.91 19.68 15.35
CA LYS A 9 -24.90 20.36 16.64
C LYS A 9 -23.73 19.97 17.54
N TYR A 10 -23.15 18.79 17.33
CA TYR A 10 -22.09 18.29 18.21
C TYR A 10 -20.96 17.72 17.36
N ALA A 11 -19.88 17.31 18.04
CA ALA A 11 -18.80 16.58 17.41
C ALA A 11 -19.21 15.12 17.34
N TYR A 12 -19.80 14.74 16.21
CA TYR A 12 -20.49 13.46 16.07
C TYR A 12 -20.67 13.17 14.60
N ALA A 13 -20.28 11.97 14.16
CA ALA A 13 -20.32 11.66 12.74
C ALA A 13 -20.39 10.15 12.55
N PHE A 14 -20.93 9.75 11.39
CA PHE A 14 -21.00 8.36 10.99
C PHE A 14 -20.00 8.00 9.89
N SER A 15 -19.58 8.96 9.08
CA SER A 15 -18.67 8.70 7.97
C SER A 15 -17.88 9.96 7.69
N GLY A 16 -16.94 9.87 6.75
CA GLY A 16 -16.04 10.97 6.45
C GLY A 16 -16.36 11.72 5.18
N PRO A 17 -15.43 12.56 4.74
CA PRO A 17 -15.70 13.43 3.58
C PRO A 17 -15.95 12.62 2.31
N TYR A 18 -16.92 13.09 1.53
CA TYR A 18 -17.30 12.40 0.30
C TYR A 18 -16.33 12.67 -0.84
N ASN A 19 -15.53 13.73 -0.76
CA ASN A 19 -14.63 14.14 -1.83
C ASN A 19 -13.20 13.65 -1.63
N LYS A 20 -13.00 12.66 -0.76
CA LYS A 20 -11.69 12.05 -0.55
C LYS A 20 -11.80 10.55 -0.82
N ALA A 21 -10.80 10.00 -1.49
CA ALA A 21 -10.78 8.57 -1.80
C ALA A 21 -10.21 7.77 -0.62
N GLU A 22 -10.84 7.96 0.54
CA GLU A 22 -10.32 7.44 1.79
C GLU A 22 -11.42 6.71 2.56
N VAL A 23 -11.05 5.60 3.17
CA VAL A 23 -11.91 4.86 4.09
C VAL A 23 -11.14 4.66 5.39
N ALA A 24 -11.83 4.16 6.41
CA ALA A 24 -11.26 4.02 7.73
C ALA A 24 -11.64 2.66 8.32
N LEU A 25 -10.63 1.86 8.67
CA LEU A 25 -10.84 0.62 9.41
C LEU A 25 -10.79 0.91 10.91
N THR A 26 -11.78 0.42 11.64
CA THR A 26 -11.82 0.56 13.09
C THR A 26 -12.06 -0.80 13.72
N PHE A 27 -11.55 -0.96 14.95
CA PHE A 27 -11.60 -2.24 15.65
C PHE A 27 -11.99 -1.99 17.11
N ASP A 28 -12.90 -2.82 17.62
CA ASP A 28 -13.51 -2.58 18.92
C ASP A 28 -13.26 -3.74 19.88
N ASP A 29 -13.31 -3.42 21.18
CA ASP A 29 -13.35 -4.30 22.33
C ASP A 29 -11.97 -4.77 22.79
N GLY A 30 -10.91 -4.47 22.05
CA GLY A 30 -9.59 -4.87 22.44
C GLY A 30 -9.05 -4.02 23.57
N PRO A 31 -7.80 -4.29 23.96
CA PRO A 31 -6.92 -5.32 23.40
C PRO A 31 -7.25 -6.73 23.89
N ASP A 32 -6.74 -7.73 23.16
CA ASP A 32 -6.88 -9.13 23.54
C ASP A 32 -5.59 -9.84 23.17
N LEU A 33 -5.52 -11.13 23.48
CA LEU A 33 -4.29 -11.88 23.26
C LEU A 33 -4.23 -12.62 21.94
N GLU A 34 -5.37 -12.85 21.29
CA GLU A 34 -5.40 -13.65 20.07
C GLU A 34 -5.66 -12.83 18.82
N PHE A 35 -6.68 -11.97 18.82
CA PHE A 35 -7.10 -11.30 17.59
C PHE A 35 -6.37 -9.99 17.34
N THR A 36 -6.17 -9.18 18.37
CA THR A 36 -5.41 -7.93 18.21
C THR A 36 -4.01 -8.15 17.61
N PRO A 37 -3.21 -9.13 18.06
CA PRO A 37 -1.90 -9.32 17.42
C PRO A 37 -2.00 -9.72 15.96
N LYS A 38 -2.98 -10.55 15.59
CA LYS A 38 -3.14 -10.95 14.21
C LYS A 38 -3.54 -9.77 13.33
N ILE A 39 -4.56 -9.02 13.75
CA ILE A 39 -4.97 -7.84 13.00
C ILE A 39 -3.77 -6.92 12.79
N LEU A 40 -2.99 -6.68 13.84
CA LEU A 40 -1.81 -5.83 13.74
C LEU A 40 -0.84 -6.34 12.69
N ASP A 41 -0.69 -7.66 12.59
CA ASP A 41 0.23 -8.23 11.60
C ASP A 41 -0.32 -8.06 10.19
N LYS A 42 -1.60 -8.36 9.98
CA LYS A 42 -2.19 -8.20 8.65
C LYS A 42 -2.23 -6.74 8.23
N LEU A 43 -2.46 -5.84 9.19
CA LEU A 43 -2.35 -4.41 8.89
C LEU A 43 -0.92 -4.04 8.53
N LYS A 44 0.07 -4.75 9.09
CA LYS A 44 1.46 -4.48 8.76
C LYS A 44 1.80 -4.96 7.36
N GLN A 45 1.28 -6.12 6.96
CA GLN A 45 1.59 -6.67 5.65
C GLN A 45 0.92 -5.89 4.52
N HIS A 46 -0.08 -5.08 4.83
CA HIS A 46 -0.80 -4.31 3.81
C HIS A 46 -0.53 -2.81 3.90
N ASN A 47 0.45 -2.39 4.71
CA ASN A 47 0.86 -0.99 4.79
C ASN A 47 -0.31 -0.09 5.20
N VAL A 48 -1.12 -0.56 6.14
CA VAL A 48 -2.39 0.08 6.48
C VAL A 48 -2.41 0.42 7.96
N LYS A 49 -2.77 1.66 8.28
CA LYS A 49 -3.05 2.07 9.65
C LYS A 49 -4.54 1.97 9.93
N ALA A 50 -4.89 1.91 11.21
CA ALA A 50 -6.27 1.78 11.62
C ALA A 50 -6.48 2.51 12.95
N THR A 51 -7.71 2.44 13.45
CA THR A 51 -8.09 3.08 14.70
C THR A 51 -8.71 2.03 15.61
N PHE A 52 -8.16 1.90 16.82
CA PHE A 52 -8.60 0.88 17.77
C PHE A 52 -9.33 1.55 18.93
N PHE A 53 -10.60 1.23 19.10
CA PHE A 53 -11.38 1.69 20.25
C PHE A 53 -11.25 0.65 21.36
N LEU A 54 -10.46 0.96 22.38
CA LEU A 54 -10.06 -0.01 23.39
C LEU A 54 -10.91 0.12 24.64
N LEU A 55 -11.36 -1.01 25.16
CA LEU A 55 -12.02 -1.02 26.47
C LEU A 55 -11.01 -0.78 27.58
N GLY A 56 -11.42 0.01 28.57
CA GLY A 56 -10.52 0.31 29.67
C GLY A 56 -10.18 -0.91 30.51
N GLU A 57 -11.16 -1.79 30.74
CA GLU A 57 -10.93 -2.96 31.57
C GLU A 57 -9.97 -3.93 30.89
N ASN A 58 -9.95 -3.97 29.56
CA ASN A 58 -9.04 -4.85 28.83
C ASN A 58 -7.65 -4.27 28.64
N ALA A 59 -7.53 -2.94 28.61
CA ALA A 59 -6.20 -2.33 28.56
C ALA A 59 -5.42 -2.59 29.85
N GLU A 60 -6.12 -2.79 30.96
CA GLU A 60 -5.43 -3.12 32.21
C GLU A 60 -4.79 -4.50 32.15
N LYS A 61 -5.49 -5.47 31.56
CA LYS A 61 -5.00 -6.85 31.55
C LYS A 61 -3.81 -7.01 30.61
N PHE A 62 -3.82 -6.34 29.47
CA PHE A 62 -2.79 -6.47 28.45
C PHE A 62 -2.19 -5.10 28.15
N PRO A 63 -1.40 -4.55 29.08
CA PRO A 63 -0.89 -3.17 28.89
C PRO A 63 0.12 -3.05 27.78
N ASN A 64 0.81 -4.13 27.39
CA ASN A 64 1.82 -4.03 26.35
C ASN A 64 1.21 -4.01 24.95
N ILE A 65 0.09 -4.69 24.75
CA ILE A 65 -0.56 -4.67 23.45
C ILE A 65 -1.14 -3.29 23.17
N VAL A 66 -1.55 -2.56 24.21
CA VAL A 66 -1.90 -1.16 24.05
C VAL A 66 -0.68 -0.38 23.57
N LYS A 67 0.48 -0.66 24.15
CA LYS A 67 1.71 0.02 23.73
C LYS A 67 2.13 -0.41 22.34
N ARG A 68 1.90 -1.66 21.97
CA ARG A 68 2.27 -2.12 20.62
C ARG A 68 1.44 -1.41 19.56
N ILE A 69 0.16 -1.14 19.85
CA ILE A 69 -0.70 -0.45 18.90
C ILE A 69 -0.16 0.95 18.62
N ALA A 70 0.15 1.70 19.68
CA ALA A 70 0.60 3.08 19.50
C ALA A 70 1.99 3.14 18.87
N ASN A 71 2.85 2.15 19.14
CA ASN A 71 4.20 2.18 18.59
C ASN A 71 4.23 1.84 17.11
N GLU A 72 3.16 1.25 16.57
CA GLU A 72 3.10 0.88 15.17
C GLU A 72 2.28 1.87 14.34
N GLY A 73 2.14 3.10 14.82
CA GLY A 73 1.52 4.16 14.05
C GLY A 73 0.00 4.17 14.03
N HIS A 74 -0.65 3.29 14.79
CA HIS A 74 -2.10 3.29 14.83
C HIS A 74 -2.62 4.30 15.85
N VAL A 75 -3.91 4.59 15.76
CA VAL A 75 -4.57 5.54 16.64
C VAL A 75 -5.47 4.78 17.60
N ILE A 76 -5.48 5.20 18.86
CA ILE A 76 -6.23 4.53 19.92
C ILE A 76 -7.45 5.39 20.27
N GLY A 77 -8.59 4.74 20.43
CA GLY A 77 -9.82 5.42 20.81
C GLY A 77 -10.43 4.91 22.09
N ASN A 78 -11.31 5.71 22.70
CA ASN A 78 -11.91 5.39 23.99
C ASN A 78 -13.22 4.65 23.77
N HIS A 79 -13.32 3.43 24.28
CA HIS A 79 -14.50 2.59 24.11
C HIS A 79 -15.16 2.28 25.45
N THR A 80 -15.06 3.22 26.40
CA THR A 80 -15.50 3.08 27.79
C THR A 80 -14.71 1.99 28.52
N TYR A 81 -14.99 1.82 29.82
CA TYR A 81 -14.23 0.91 30.67
C TYR A 81 -14.79 -0.51 30.64
N SER A 82 -16.07 -0.68 31.01
CA SER A 82 -16.66 -2.00 31.19
C SER A 82 -17.79 -2.26 30.20
N HIS A 83 -17.86 -1.49 29.11
CA HIS A 83 -18.80 -1.71 28.02
C HIS A 83 -20.26 -1.75 28.47
N PRO A 84 -20.78 -0.68 29.09
CA PRO A 84 -22.20 -0.68 29.44
C PRO A 84 -23.06 0.04 28.41
N ASN A 85 -24.37 -0.18 28.46
CA ASN A 85 -25.29 0.58 27.61
C ASN A 85 -25.38 2.00 28.15
N LEU A 86 -24.69 2.93 27.48
CA LEU A 86 -24.60 4.30 27.98
C LEU A 86 -25.96 4.98 28.07
N ALA A 87 -26.96 4.50 27.31
CA ALA A 87 -28.30 5.04 27.43
C ALA A 87 -28.98 4.68 28.75
N LYS A 88 -28.45 3.70 29.49
CA LYS A 88 -29.05 3.26 30.74
C LYS A 88 -28.28 3.72 31.98
N VAL A 89 -27.28 4.57 31.81
CA VAL A 89 -26.48 5.05 32.94
C VAL A 89 -26.77 6.53 33.15
N ASN A 90 -26.41 7.01 34.34
CA ASN A 90 -26.52 8.42 34.65
C ASN A 90 -25.24 9.16 34.27
N GLU A 91 -25.28 10.49 34.40
CA GLU A 91 -24.18 11.31 33.90
C GLU A 91 -22.88 11.01 34.63
N ASP A 92 -22.94 10.78 35.94
CA ASP A 92 -21.71 10.54 36.70
C ASP A 92 -21.08 9.21 36.32
N GLU A 93 -21.89 8.17 36.12
CA GLU A 93 -21.35 6.90 35.66
C GLU A 93 -20.90 6.98 34.21
N TYR A 94 -21.58 7.77 33.38
CA TYR A 94 -21.10 8.01 32.03
C TYR A 94 -19.76 8.73 32.06
N ARG A 95 -19.66 9.82 32.82
CA ARG A 95 -18.40 10.54 32.95
C ARG A 95 -17.34 9.73 33.69
N ASN A 96 -17.75 8.76 34.50
CA ASN A 96 -16.77 7.89 35.15
C ASN A 96 -16.19 6.88 34.17
N GLN A 97 -17.03 6.32 33.29
CA GLN A 97 -16.53 5.36 32.30
C GLN A 97 -15.56 6.02 31.34
N ILE A 98 -15.78 7.29 31.00
CA ILE A 98 -14.91 7.98 30.04
C ILE A 98 -13.59 8.34 30.70
N ILE A 99 -13.64 9.13 31.78
CA ILE A 99 -12.42 9.67 32.39
C ILE A 99 -11.53 8.56 32.92
N LYS A 100 -12.13 7.48 33.44
CA LYS A 100 -11.33 6.35 33.93
C LYS A 100 -10.55 5.71 32.80
N THR A 101 -11.23 5.41 31.69
CA THR A 101 -10.56 4.81 30.54
C THR A 101 -9.51 5.75 29.96
N GLU A 102 -9.79 7.05 29.96
CA GLU A 102 -8.83 8.00 29.42
C GLU A 102 -7.52 7.98 30.18
N GLU A 103 -7.59 7.95 31.52
CA GLU A 103 -6.37 7.92 32.32
C GLU A 103 -5.58 6.64 32.11
N ILE A 104 -6.26 5.52 31.90
CA ILE A 104 -5.56 4.27 31.64
C ILE A 104 -4.84 4.32 30.29
N LEU A 105 -5.53 4.81 29.26
CA LEU A 105 -4.92 4.88 27.93
C LEU A 105 -3.84 5.96 27.87
N ASN A 106 -4.01 7.05 28.61
CA ASN A 106 -2.99 8.10 28.64
C ASN A 106 -1.70 7.57 29.25
N ARG A 107 -1.80 6.71 30.26
CA ARG A 107 -0.60 6.17 30.90
C ARG A 107 0.16 5.26 29.96
N LEU A 108 -0.55 4.47 29.15
CA LEU A 108 0.10 3.48 28.29
C LEU A 108 0.49 4.05 26.93
N ALA A 109 -0.44 4.72 26.25
CA ALA A 109 -0.17 5.24 24.91
C ALA A 109 0.58 6.57 24.92
N GLY A 110 0.54 7.31 26.02
CA GLY A 110 1.20 8.59 26.11
C GLY A 110 0.36 9.79 25.76
N TYR A 111 -0.92 9.60 25.43
CA TYR A 111 -1.81 10.71 25.13
C TYR A 111 -3.23 10.33 25.52
N ALA A 112 -4.04 11.34 25.83
CA ALA A 112 -5.45 11.13 26.10
C ALA A 112 -6.20 11.05 24.78
N PRO A 113 -6.81 9.91 24.44
CA PRO A 113 -7.47 9.79 23.13
C PRO A 113 -8.62 10.78 22.97
N LYS A 114 -8.71 11.35 21.79
CA LYS A 114 -9.76 12.31 21.47
C LYS A 114 -11.05 11.64 21.02
N PHE A 115 -10.95 10.47 20.41
CA PHE A 115 -12.11 9.82 19.81
C PHE A 115 -12.79 8.87 20.79
N ILE A 116 -14.11 8.96 20.86
CA ILE A 116 -14.93 8.08 21.68
C ILE A 116 -15.87 7.33 20.74
N ARG A 117 -16.09 6.04 21.01
CA ARG A 117 -17.14 5.28 20.35
C ARG A 117 -18.01 4.64 21.43
N PRO A 118 -19.30 4.94 21.48
CA PRO A 118 -20.16 4.35 22.50
C PRO A 118 -20.49 2.92 22.14
N PRO A 119 -20.43 2.00 23.11
CA PRO A 119 -20.81 0.61 22.84
C PRO A 119 -22.26 0.50 22.40
N TYR A 120 -22.51 -0.40 21.46
CA TYR A 120 -23.80 -0.59 20.81
C TYR A 120 -24.29 0.65 20.08
N GLY A 121 -23.46 1.68 19.96
CA GLY A 121 -23.88 2.93 19.36
C GLY A 121 -24.87 3.74 20.16
N GLU A 122 -25.12 3.36 21.41
CA GLU A 122 -26.12 4.02 22.25
C GLU A 122 -25.47 5.19 22.99
N ILE A 123 -26.05 6.38 22.83
CA ILE A 123 -25.61 7.55 23.57
C ILE A 123 -26.75 8.56 23.57
N LEU A 124 -26.78 9.40 24.60
CA LEU A 124 -27.83 10.39 24.78
C LEU A 124 -27.29 11.77 24.40
N GLU A 125 -28.23 12.73 24.25
CA GLU A 125 -27.84 14.04 23.77
C GLU A 125 -27.00 14.79 24.79
N ASN A 126 -27.34 14.69 26.08
CA ASN A 126 -26.55 15.37 27.10
C ASN A 126 -25.17 14.75 27.25
N GLN A 127 -25.07 13.43 27.09
CA GLN A 127 -23.76 12.78 27.06
C GLN A 127 -22.94 13.27 25.88
N LEU A 128 -23.58 13.42 24.71
CA LEU A 128 -22.88 13.93 23.54
C LEU A 128 -22.48 15.39 23.74
N LYS A 129 -23.35 16.18 24.38
CA LYS A 129 -23.03 17.58 24.63
C LYS A 129 -21.84 17.73 25.56
N TRP A 130 -21.75 16.86 26.57
CA TRP A 130 -20.63 16.93 27.51
C TRP A 130 -19.31 16.62 26.82
N ALA A 131 -19.28 15.57 26.00
CA ALA A 131 -18.06 15.21 25.31
C ALA A 131 -17.63 16.26 24.30
N THR A 132 -18.59 16.93 23.65
CA THR A 132 -18.24 18.02 22.74
C THR A 132 -17.56 19.16 23.48
N GLU A 133 -18.07 19.54 24.66
CA GLU A 133 -17.45 20.60 25.44
C GLU A 133 -16.08 20.19 25.94
N GLN A 134 -15.87 18.90 26.22
CA GLN A 134 -14.59 18.39 26.70
C GLN A 134 -13.60 18.13 25.58
N ASN A 135 -13.91 18.56 24.35
CA ASN A 135 -13.02 18.42 23.19
C ASN A 135 -12.83 16.97 22.76
N PHE A 136 -13.86 16.15 22.96
CA PHE A 136 -13.88 14.80 22.39
C PHE A 136 -14.50 14.82 21.00
N MET A 137 -14.48 13.68 20.34
CA MET A 137 -15.26 13.53 19.12
C MET A 137 -15.76 12.09 19.05
N ILE A 138 -17.06 11.93 18.91
CA ILE A 138 -17.68 10.62 18.83
C ILE A 138 -17.85 10.24 17.36
N VAL A 139 -17.38 9.05 17.00
CA VAL A 139 -17.49 8.54 15.64
C VAL A 139 -18.13 7.17 15.71
N GLN A 140 -19.27 7.01 15.03
CA GLN A 140 -19.91 5.71 14.92
C GLN A 140 -19.33 4.93 13.75
N TRP A 141 -20.19 4.50 12.83
CA TRP A 141 -19.74 3.74 11.67
C TRP A 141 -20.84 3.76 10.62
N SER A 142 -20.45 3.46 9.37
CA SER A 142 -21.39 3.38 8.27
C SER A 142 -21.36 2.06 7.52
N VAL A 143 -20.38 1.19 7.80
CA VAL A 143 -20.31 -0.14 7.21
C VAL A 143 -20.11 -1.13 8.35
N ASP A 144 -21.06 -2.03 8.54
CA ASP A 144 -21.02 -3.00 9.63
C ASP A 144 -20.68 -4.37 9.06
N THR A 145 -19.55 -4.93 9.50
CA THR A 145 -19.16 -6.27 9.07
C THR A 145 -19.99 -7.36 9.74
N VAL A 146 -20.75 -7.02 10.79
CA VAL A 146 -21.50 -7.95 11.64
C VAL A 146 -20.65 -9.20 11.91
N ASP A 147 -19.37 -9.00 12.19
CA ASP A 147 -18.43 -10.10 12.37
C ASP A 147 -18.61 -10.81 13.71
N TRP A 148 -19.27 -10.16 14.68
CA TRP A 148 -19.52 -10.83 15.96
C TRP A 148 -20.40 -12.05 15.81
N LYS A 149 -21.21 -12.11 14.75
CA LYS A 149 -22.01 -13.29 14.45
C LYS A 149 -21.17 -14.51 14.08
N GLY A 150 -19.85 -14.34 13.94
CA GLY A 150 -19.00 -15.45 13.54
C GLY A 150 -19.12 -15.82 12.08
N VAL A 151 -19.34 -14.84 11.21
CA VAL A 151 -19.51 -15.09 9.78
C VAL A 151 -18.16 -15.32 9.13
N SER A 152 -18.18 -15.79 7.88
CA SER A 152 -16.95 -16.15 7.18
C SER A 152 -16.29 -14.92 6.56
N ALA A 153 -15.05 -15.11 6.10
CA ALA A 153 -14.31 -14.01 5.49
C ALA A 153 -14.90 -13.62 4.15
N ASP A 154 -15.39 -14.61 3.37
CA ASP A 154 -16.02 -14.30 2.10
C ASP A 154 -17.31 -13.51 2.29
N THR A 155 -18.09 -13.86 3.32
CA THR A 155 -19.32 -13.13 3.61
C THR A 155 -19.02 -11.70 4.03
N ILE A 156 -18.01 -11.51 4.88
CA ILE A 156 -17.64 -10.17 5.33
C ILE A 156 -17.14 -9.33 4.16
N THR A 157 -16.42 -9.96 3.23
CA THR A 157 -15.84 -9.23 2.11
C THR A 157 -16.92 -8.66 1.19
N ASN A 158 -17.88 -9.49 0.80
CA ASN A 158 -18.98 -9.00 -0.03
C ASN A 158 -19.80 -7.95 0.71
N ASN A 159 -19.94 -8.08 2.03
CA ASN A 159 -20.66 -7.10 2.82
C ASN A 159 -19.92 -5.78 2.89
N VAL A 160 -18.59 -5.81 2.92
CA VAL A 160 -17.81 -4.57 2.99
C VAL A 160 -17.66 -3.95 1.61
N LEU A 161 -17.28 -4.75 0.61
CA LEU A 161 -17.10 -4.24 -0.74
C LEU A 161 -18.42 -3.79 -1.36
N GLY A 162 -19.55 -4.25 -0.84
CA GLY A 162 -20.85 -3.88 -1.38
C GLY A 162 -21.46 -2.63 -0.79
N ASN A 163 -20.94 -2.15 0.33
CA ASN A 163 -21.51 -0.98 1.00
C ASN A 163 -20.47 0.08 1.34
N SER A 164 -19.28 0.02 0.75
CA SER A 164 -18.20 0.96 1.04
C SER A 164 -18.19 2.07 0.00
N PHE A 165 -18.06 3.30 0.46
CA PHE A 165 -17.99 4.48 -0.38
C PHE A 165 -16.89 5.38 0.13
N PRO A 166 -16.49 6.41 -0.62
CA PRO A 166 -15.56 7.40 -0.07
C PRO A 166 -16.07 7.95 1.26
N GLY A 167 -15.23 7.86 2.29
CA GLY A 167 -15.59 8.30 3.61
C GLY A 167 -16.16 7.23 4.52
N SER A 168 -16.23 5.99 4.07
CA SER A 168 -16.82 4.93 4.88
C SER A 168 -15.97 4.65 6.12
N VAL A 169 -16.64 4.43 7.25
CA VAL A 169 -16.01 4.02 8.49
C VAL A 169 -16.49 2.60 8.79
N ILE A 170 -15.58 1.65 8.74
CA ILE A 170 -15.91 0.22 8.83
C ILE A 170 -15.71 -0.26 10.25
N LEU A 171 -16.61 -1.11 10.72
CA LEU A 171 -16.58 -1.60 12.10
C LEU A 171 -16.18 -3.07 12.12
N GLN A 172 -15.13 -3.39 12.85
CA GLN A 172 -14.76 -4.76 13.13
C GLN A 172 -14.45 -4.88 14.62
N HIS A 173 -14.27 -6.12 15.08
CA HIS A 173 -14.08 -6.38 16.50
C HIS A 173 -12.81 -7.19 16.74
N SER A 174 -12.15 -6.88 17.86
CA SER A 174 -11.08 -7.72 18.38
C SER A 174 -11.43 -8.12 19.81
N THR A 175 -12.62 -8.68 19.98
CA THR A 175 -13.17 -9.00 21.30
C THR A 175 -12.51 -10.25 21.87
N PRO A 176 -12.07 -10.24 23.13
CA PRO A 176 -11.48 -11.46 23.72
C PRO A 176 -12.50 -12.59 23.79
N GLY A 177 -12.17 -13.70 23.13
CA GLY A 177 -13.01 -14.87 23.16
C GLY A 177 -14.13 -14.89 22.14
N GLY A 178 -14.11 -14.00 21.15
CA GLY A 178 -15.13 -13.98 20.14
C GLY A 178 -14.82 -14.86 18.95
N HIS A 179 -15.83 -15.07 18.11
CA HIS A 179 -15.69 -15.84 16.88
C HIS A 179 -15.33 -14.85 15.77
N LEU A 180 -14.04 -14.56 15.65
CA LEU A 180 -13.58 -13.46 14.79
C LEU A 180 -12.43 -13.88 13.87
N GLN A 181 -12.25 -15.17 13.62
CA GLN A 181 -11.16 -15.59 12.74
C GLN A 181 -11.45 -15.19 11.29
N GLY A 182 -12.69 -15.37 10.84
CA GLY A 182 -13.05 -14.91 9.51
C GLY A 182 -12.94 -13.41 9.36
N SER A 183 -13.16 -12.67 10.45
CA SER A 183 -13.00 -11.21 10.40
C SER A 183 -11.55 -10.82 10.20
N VAL A 184 -10.62 -11.61 10.73
CA VAL A 184 -9.19 -11.35 10.52
C VAL A 184 -8.78 -11.71 9.10
N ASP A 185 -9.20 -12.90 8.62
CA ASP A 185 -8.86 -13.31 7.27
C ASP A 185 -9.49 -12.41 6.21
N ALA A 186 -10.57 -11.72 6.54
CA ALA A 186 -11.22 -10.84 5.58
C ALA A 186 -10.33 -9.67 5.19
N LEU A 187 -9.42 -9.27 6.08
CA LEU A 187 -8.52 -8.16 5.78
C LEU A 187 -7.64 -8.46 4.56
N ASP A 188 -7.33 -9.74 4.32
CA ASP A 188 -6.53 -10.09 3.16
C ASP A 188 -7.28 -9.93 1.86
N LYS A 189 -8.61 -9.86 1.90
CA LYS A 189 -9.43 -9.62 0.71
C LYS A 189 -10.02 -8.22 0.66
N ILE A 190 -10.38 -7.66 1.81
CA ILE A 190 -11.00 -6.33 1.84
C ILE A 190 -10.00 -5.26 1.40
N ILE A 191 -8.79 -5.28 1.98
CA ILE A 191 -7.83 -4.21 1.72
C ILE A 191 -7.38 -4.16 0.26
N PRO A 192 -7.01 -5.27 -0.38
CA PRO A 192 -6.56 -5.15 -1.78
C PRO A 192 -7.66 -4.74 -2.74
N GLN A 193 -8.89 -5.22 -2.53
CA GLN A 193 -9.97 -4.93 -3.47
C GLN A 193 -10.41 -3.47 -3.38
N LEU A 194 -10.40 -2.88 -2.19
CA LEU A 194 -10.68 -1.45 -2.08
C LEU A 194 -9.55 -0.62 -2.67
N LYS A 195 -8.31 -1.09 -2.55
CA LYS A 195 -7.19 -0.42 -3.21
C LYS A 195 -7.33 -0.48 -4.72
N THR A 196 -7.88 -1.59 -5.24
CA THR A 196 -8.13 -1.70 -6.67
C THR A 196 -9.09 -0.60 -7.15
N LYS A 197 -10.07 -0.25 -6.32
CA LYS A 197 -11.01 0.82 -6.65
C LYS A 197 -10.43 2.20 -6.42
N GLY A 198 -9.20 2.31 -5.93
CA GLY A 198 -8.57 3.60 -5.72
C GLY A 198 -8.68 4.15 -4.32
N ALA A 199 -9.09 3.35 -3.34
CA ALA A 199 -9.27 3.83 -1.98
C ALA A 199 -7.96 3.80 -1.20
N ARG A 200 -7.83 4.75 -0.28
CA ARG A 200 -6.70 4.82 0.64
C ARG A 200 -7.22 4.64 2.06
N PHE A 201 -6.47 3.92 2.88
CA PHE A 201 -6.87 3.67 4.27
C PHE A 201 -6.21 4.70 5.17
N VAL A 202 -7.04 5.41 5.94
CA VAL A 202 -6.57 6.46 6.83
C VAL A 202 -7.10 6.19 8.23
N THR A 203 -6.56 6.92 9.20
CA THR A 203 -7.07 6.88 10.56
C THR A 203 -8.15 7.94 10.75
N LEU A 204 -8.88 7.84 11.86
CA LEU A 204 -9.91 8.83 12.15
C LEU A 204 -9.36 10.25 12.27
N PRO A 205 -8.21 10.49 12.92
CA PRO A 205 -7.69 11.87 12.94
C PRO A 205 -7.47 12.46 11.56
N SER A 206 -6.94 11.67 10.62
CA SER A 206 -6.71 12.19 9.27
C SER A 206 -8.02 12.37 8.51
N MET A 207 -8.99 11.48 8.73
CA MET A 207 -10.25 11.57 8.00
C MET A 207 -11.03 12.82 8.39
N PHE A 208 -11.09 13.14 9.68
CA PHE A 208 -11.83 14.30 10.16
C PHE A 208 -10.92 15.49 10.45
N GLN A 209 -9.65 15.43 10.04
CA GLN A 209 -8.72 16.55 10.12
C GLN A 209 -8.68 17.16 11.52
N THR A 210 -8.36 16.31 12.49
CA THR A 210 -8.24 16.74 13.88
C THR A 210 -7.13 15.93 14.54
N SER A 211 -6.70 16.41 15.71
CA SER A 211 -5.65 15.72 16.44
C SER A 211 -6.15 14.39 16.98
N LYS A 212 -5.22 13.48 17.23
CA LYS A 212 -5.54 12.20 17.86
C LYS A 212 -5.70 12.32 19.37
N GLU A 213 -5.21 13.41 19.97
CA GLU A 213 -5.25 13.59 21.41
C GLU A 213 -6.17 14.75 21.77
N ARG A 214 -6.56 14.78 23.04
CA ARG A 214 -7.51 15.76 23.53
C ARG A 214 -6.81 16.95 24.19
N TRP B 1 -11.24 1.13 -13.93
CA TRP B 1 -12.33 1.58 -13.06
C TRP B 1 -11.81 1.85 -11.64
N THR B 2 -11.48 3.12 -11.38
CA THR B 2 -11.02 3.57 -10.07
C THR B 2 -11.98 4.65 -9.56
N PRO B 3 -13.19 4.27 -9.17
CA PRO B 3 -14.20 5.28 -8.79
C PRO B 3 -13.83 6.12 -7.58
N PHE B 4 -13.13 5.53 -6.60
CA PHE B 4 -12.80 6.28 -5.39
C PHE B 4 -11.95 7.50 -5.70
N SER B 5 -10.84 7.31 -6.41
CA SER B 5 -9.93 8.41 -6.70
C SER B 5 -10.55 9.45 -7.62
N TRP B 6 -11.67 9.13 -8.29
CA TRP B 6 -12.31 10.09 -9.17
C TRP B 6 -13.05 11.18 -8.42
N VAL B 7 -13.45 10.94 -7.16
CA VAL B 7 -14.16 11.97 -6.41
C VAL B 7 -13.23 13.12 -6.03
N GLU B 8 -11.92 12.91 -6.10
CA GLU B 8 -10.96 13.98 -5.86
C GLU B 8 -10.52 14.68 -7.14
N LYS B 9 -10.58 13.99 -8.27
CA LYS B 9 -10.07 14.50 -9.53
C LYS B 9 -11.13 15.15 -10.40
N TYR B 10 -12.40 14.87 -10.17
CA TYR B 10 -13.47 15.33 -11.05
C TYR B 10 -14.68 15.74 -10.21
N ALA B 11 -15.66 16.35 -10.89
CA ALA B 11 -16.95 16.66 -10.30
C ALA B 11 -17.77 15.37 -10.31
N TYR B 12 -17.58 14.56 -9.26
CA TYR B 12 -18.09 13.20 -9.23
C TYR B 12 -18.21 12.78 -7.77
N ALA B 13 -19.38 12.26 -7.40
CA ALA B 13 -19.63 11.94 -6.00
C ALA B 13 -20.68 10.84 -5.90
N PHE B 14 -20.65 10.14 -4.76
CA PHE B 14 -21.63 9.13 -4.42
C PHE B 14 -22.60 9.57 -3.33
N SER B 15 -22.18 10.48 -2.45
CA SER B 15 -23.00 10.93 -1.33
C SER B 15 -22.62 12.36 -0.98
N GLY B 16 -23.28 12.91 0.03
CA GLY B 16 -23.10 14.29 0.41
C GLY B 16 -22.34 14.48 1.71
N PRO B 17 -22.29 15.72 2.20
CA PRO B 17 -21.52 16.02 3.40
C PRO B 17 -22.01 15.26 4.62
N TYR B 18 -21.07 14.71 5.38
CA TYR B 18 -21.40 13.91 6.56
C TYR B 18 -21.89 14.76 7.73
N ASN B 19 -21.56 16.05 7.75
CA ASN B 19 -21.90 16.92 8.86
C ASN B 19 -23.17 17.73 8.60
N LYS B 20 -24.01 17.30 7.67
CA LYS B 20 -25.32 17.90 7.45
C LYS B 20 -26.39 16.84 7.67
N ALA B 21 -27.45 17.22 8.38
CA ALA B 21 -28.57 16.31 8.61
C ALA B 21 -29.47 16.26 7.38
N GLU B 22 -28.88 16.01 6.21
CA GLU B 22 -29.58 16.14 4.95
C GLU B 22 -29.32 14.94 4.05
N VAL B 23 -30.40 14.37 3.51
CA VAL B 23 -30.34 13.33 2.52
C VAL B 23 -31.08 13.81 1.28
N ALA B 24 -30.92 13.07 0.17
CA ALA B 24 -31.46 13.49 -1.12
C ALA B 24 -32.16 12.31 -1.77
N LEU B 25 -33.46 12.47 -2.06
CA LEU B 25 -34.21 11.51 -2.84
C LEU B 25 -34.02 11.82 -4.32
N THR B 26 -33.77 10.77 -5.12
CA THR B 26 -33.60 10.91 -6.56
C THR B 26 -34.43 9.86 -7.28
N PHE B 27 -34.84 10.19 -8.50
CA PHE B 27 -35.69 9.32 -9.30
C PHE B 27 -35.20 9.30 -10.74
N ASP B 28 -35.05 8.09 -11.30
CA ASP B 28 -34.51 7.91 -12.63
C ASP B 28 -35.58 7.37 -13.57
N ASP B 29 -35.27 7.44 -14.87
CA ASP B 29 -35.99 6.88 -16.01
C ASP B 29 -37.27 7.64 -16.35
N GLY B 30 -37.68 8.63 -15.55
CA GLY B 30 -38.84 9.42 -15.89
C GLY B 30 -38.57 10.32 -17.07
N PRO B 31 -39.62 11.04 -17.51
CA PRO B 31 -40.97 10.98 -16.94
C PRO B 31 -41.82 9.88 -17.57
N ASP B 32 -42.87 9.46 -16.87
CA ASP B 32 -43.86 8.54 -17.42
C ASP B 32 -45.23 9.02 -16.97
N LEU B 33 -46.27 8.30 -17.39
CA LEU B 33 -47.65 8.72 -17.17
C LEU B 33 -48.27 8.15 -15.90
N GLU B 34 -47.69 7.11 -15.32
CA GLU B 34 -48.32 6.43 -14.18
C GLU B 34 -47.64 6.77 -12.86
N PHE B 35 -46.34 6.52 -12.75
CA PHE B 35 -45.67 6.61 -11.46
C PHE B 35 -45.17 8.02 -11.14
N THR B 36 -44.61 8.71 -12.12
CA THR B 36 -44.09 10.06 -11.86
C THR B 36 -45.15 11.01 -11.29
N PRO B 37 -46.39 11.05 -11.80
CA PRO B 37 -47.39 11.92 -11.14
C PRO B 37 -47.71 11.49 -9.72
N LYS B 38 -47.77 10.18 -9.46
CA LYS B 38 -48.05 9.70 -8.10
C LYS B 38 -46.92 10.09 -7.15
N ILE B 39 -45.68 10.06 -7.63
CA ILE B 39 -44.54 10.46 -6.81
C ILE B 39 -44.63 11.94 -6.48
N LEU B 40 -44.90 12.77 -7.48
CA LEU B 40 -45.00 14.21 -7.27
C LEU B 40 -46.10 14.54 -6.27
N ASP B 41 -47.19 13.76 -6.28
CA ASP B 41 -48.27 13.98 -5.32
C ASP B 41 -47.81 13.67 -3.90
N LYS B 42 -47.08 12.57 -3.72
CA LYS B 42 -46.63 12.21 -2.37
C LYS B 42 -45.50 13.12 -1.91
N LEU B 43 -44.62 13.54 -2.83
CA LEU B 43 -43.58 14.50 -2.45
C LEU B 43 -44.18 15.82 -2.02
N LYS B 44 -45.28 16.24 -2.66
CA LYS B 44 -45.89 17.53 -2.32
C LYS B 44 -46.57 17.47 -0.95
N GLN B 45 -47.34 16.41 -0.69
CA GLN B 45 -48.03 16.31 0.58
C GLN B 45 -47.10 16.01 1.75
N HIS B 46 -45.81 15.76 1.47
CA HIS B 46 -44.81 15.63 2.53
C HIS B 46 -43.87 16.83 2.58
N ASN B 47 -44.10 17.84 1.76
CA ASN B 47 -43.26 19.05 1.72
C ASN B 47 -41.81 18.71 1.39
N VAL B 48 -41.62 17.81 0.42
CA VAL B 48 -40.31 17.28 0.08
C VAL B 48 -40.01 17.60 -1.38
N LYS B 49 -38.84 18.19 -1.63
CA LYS B 49 -38.32 18.37 -2.97
C LYS B 49 -37.28 17.30 -3.28
N ALA B 50 -37.24 16.88 -4.54
CA ALA B 50 -36.34 15.81 -4.95
C ALA B 50 -35.69 16.19 -6.27
N THR B 51 -34.86 15.29 -6.78
CA THR B 51 -34.14 15.45 -8.04
C THR B 51 -34.51 14.31 -8.96
N PHE B 52 -34.95 14.65 -10.18
CA PHE B 52 -35.38 13.67 -11.16
C PHE B 52 -34.37 13.62 -12.30
N PHE B 53 -33.84 12.44 -12.57
CA PHE B 53 -32.94 12.23 -13.71
C PHE B 53 -33.78 11.73 -14.89
N LEU B 54 -34.01 12.60 -15.86
CA LEU B 54 -34.98 12.38 -16.92
C LEU B 54 -34.30 11.86 -18.18
N LEU B 55 -34.90 10.84 -18.79
CA LEU B 55 -34.47 10.38 -20.10
C LEU B 55 -34.99 11.32 -21.18
N GLY B 56 -34.13 11.59 -22.16
CA GLY B 56 -34.53 12.50 -23.23
C GLY B 56 -35.70 11.98 -24.05
N GLU B 57 -35.68 10.69 -24.39
CA GLU B 57 -36.74 10.13 -25.21
C GLU B 57 -38.09 10.17 -24.50
N ASN B 58 -38.09 10.05 -23.17
CA ASN B 58 -39.34 10.15 -22.43
C ASN B 58 -39.76 11.59 -22.19
N ALA B 59 -38.80 12.51 -22.12
CA ALA B 59 -39.12 13.91 -21.88
C ALA B 59 -39.90 14.51 -23.04
N GLU B 60 -39.53 14.18 -24.28
CA GLU B 60 -40.24 14.68 -25.44
C GLU B 60 -41.56 13.97 -25.66
N LYS B 61 -41.75 12.78 -25.09
CA LYS B 61 -43.03 12.08 -25.23
C LYS B 61 -44.06 12.56 -24.22
N PHE B 62 -43.63 12.87 -23.00
CA PHE B 62 -44.51 13.38 -21.94
C PHE B 62 -43.99 14.74 -21.45
N PRO B 63 -44.08 15.78 -22.27
CA PRO B 63 -43.63 17.10 -21.81
C PRO B 63 -44.51 17.70 -20.73
N ASN B 64 -45.74 17.20 -20.57
CA ASN B 64 -46.61 17.66 -19.50
C ASN B 64 -46.01 17.36 -18.13
N ILE B 65 -45.36 16.20 -18.00
CA ILE B 65 -44.78 15.82 -16.72
C ILE B 65 -43.48 16.58 -16.48
N VAL B 66 -42.71 16.85 -17.52
CA VAL B 66 -41.47 17.62 -17.35
C VAL B 66 -41.78 19.03 -16.86
N LYS B 67 -42.88 19.62 -17.35
CA LYS B 67 -43.27 20.94 -16.88
C LYS B 67 -43.66 20.90 -15.41
N ARG B 68 -44.42 19.88 -15.00
CA ARG B 68 -44.90 19.80 -13.63
C ARG B 68 -43.75 19.64 -12.65
N ILE B 69 -42.70 18.93 -13.05
CA ILE B 69 -41.57 18.68 -12.15
C ILE B 69 -40.88 20.00 -11.80
N ALA B 70 -40.55 20.80 -12.83
CA ALA B 70 -39.86 22.05 -12.58
C ALA B 70 -40.76 23.08 -11.90
N ASN B 71 -42.06 23.06 -12.21
CA ASN B 71 -42.98 24.03 -11.62
C ASN B 71 -43.17 23.79 -10.12
N GLU B 72 -43.12 22.54 -9.67
CA GLU B 72 -43.40 22.19 -8.28
C GLU B 72 -42.14 22.17 -7.42
N GLY B 73 -41.05 22.80 -7.87
CA GLY B 73 -39.90 23.06 -7.02
C GLY B 73 -38.81 22.01 -7.04
N HIS B 74 -38.91 20.99 -7.90
CA HIS B 74 -37.90 19.95 -7.95
C HIS B 74 -36.79 20.32 -8.95
N VAL B 75 -35.72 19.53 -8.93
CA VAL B 75 -34.57 19.74 -9.79
C VAL B 75 -34.53 18.63 -10.83
N ILE B 76 -34.14 18.99 -12.06
CA ILE B 76 -34.08 18.06 -13.19
C ILE B 76 -32.63 17.78 -13.52
N GLY B 77 -32.30 16.50 -13.73
CA GLY B 77 -30.98 16.10 -14.16
C GLY B 77 -30.97 15.39 -15.49
N ASN B 78 -29.82 15.38 -16.17
CA ASN B 78 -29.69 14.73 -17.46
C ASN B 78 -29.36 13.26 -17.28
N HIS B 79 -30.10 12.39 -17.96
CA HIS B 79 -29.95 10.94 -17.81
C HIS B 79 -29.74 10.27 -19.16
N THR B 80 -29.09 10.98 -20.10
CA THR B 80 -28.92 10.57 -21.49
C THR B 80 -30.25 10.44 -22.22
N TYR B 81 -30.21 10.14 -23.51
CA TYR B 81 -31.41 10.16 -24.34
C TYR B 81 -32.08 8.79 -24.43
N SER B 82 -31.34 7.77 -24.89
CA SER B 82 -31.89 6.44 -25.08
C SER B 82 -31.40 5.45 -24.05
N HIS B 83 -30.79 5.92 -22.96
CA HIS B 83 -30.36 5.09 -21.83
C HIS B 83 -29.37 4.00 -22.24
N PRO B 84 -28.20 4.34 -22.79
CA PRO B 84 -27.23 3.30 -23.13
C PRO B 84 -26.16 3.12 -22.06
N ASN B 85 -25.39 2.05 -22.15
CA ASN B 85 -24.22 1.86 -21.28
C ASN B 85 -23.11 2.74 -21.82
N LEU B 86 -22.91 3.91 -21.18
CA LEU B 86 -21.94 4.88 -21.68
C LEU B 86 -20.51 4.33 -21.68
N ALA B 87 -20.24 3.27 -20.92
CA ALA B 87 -18.92 2.64 -20.97
C ALA B 87 -18.71 1.84 -22.24
N LYS B 88 -19.75 1.68 -23.07
CA LYS B 88 -19.65 0.92 -24.31
C LYS B 88 -19.86 1.77 -25.55
N VAL B 89 -19.89 3.09 -25.41
CA VAL B 89 -20.05 4.00 -26.54
C VAL B 89 -18.74 4.75 -26.74
N ASN B 90 -18.59 5.31 -27.96
CA ASN B 90 -17.40 6.08 -28.28
C ASN B 90 -17.59 7.53 -27.83
N GLU B 91 -16.55 8.35 -28.07
CA GLU B 91 -16.57 9.73 -27.62
C GLU B 91 -17.70 10.52 -28.26
N ASP B 92 -17.99 10.27 -29.54
CA ASP B 92 -18.99 11.06 -30.25
C ASP B 92 -20.41 10.72 -29.78
N GLU B 93 -20.72 9.43 -29.63
CA GLU B 93 -22.06 9.05 -29.20
C GLU B 93 -22.33 9.47 -27.75
N TYR B 94 -21.30 9.45 -26.91
CA TYR B 94 -21.47 9.88 -25.52
C TYR B 94 -21.91 11.34 -25.45
N ARG B 95 -21.22 12.22 -26.18
CA ARG B 95 -21.57 13.64 -26.14
C ARG B 95 -22.91 13.92 -26.81
N ASN B 96 -23.28 13.12 -27.80
CA ASN B 96 -24.58 13.31 -28.42
C ASN B 96 -25.70 12.93 -27.47
N GLN B 97 -25.52 11.86 -26.70
CA GLN B 97 -26.52 11.45 -25.70
C GLN B 97 -26.77 12.57 -24.70
N ILE B 98 -25.71 13.25 -24.27
CA ILE B 98 -25.85 14.30 -23.26
C ILE B 98 -26.49 15.54 -23.86
N ILE B 99 -25.92 16.05 -24.96
CA ILE B 99 -26.37 17.32 -25.52
C ILE B 99 -27.77 17.21 -26.09
N LYS B 100 -28.13 16.07 -26.68
CA LYS B 100 -29.49 15.90 -27.20
C LYS B 100 -30.52 15.99 -26.08
N THR B 101 -30.21 15.39 -24.92
CA THR B 101 -31.12 15.46 -23.78
C THR B 101 -31.11 16.85 -23.16
N GLU B 102 -29.94 17.50 -23.13
CA GLU B 102 -29.84 18.83 -22.54
C GLU B 102 -30.73 19.82 -23.27
N GLU B 103 -30.77 19.77 -24.60
CA GLU B 103 -31.60 20.69 -25.37
C GLU B 103 -33.08 20.46 -25.10
N ILE B 104 -33.50 19.20 -25.03
CA ILE B 104 -34.91 18.89 -24.79
C ILE B 104 -35.33 19.38 -23.40
N LEU B 105 -34.51 19.11 -22.38
CA LEU B 105 -34.85 19.54 -21.03
C LEU B 105 -34.83 21.06 -20.93
N ASN B 106 -33.87 21.71 -21.60
CA ASN B 106 -33.83 23.16 -21.59
C ASN B 106 -35.09 23.77 -22.21
N ARG B 107 -35.57 23.17 -23.30
CA ARG B 107 -36.78 23.67 -23.95
C ARG B 107 -38.00 23.48 -23.06
N LEU B 108 -38.08 22.34 -22.36
CA LEU B 108 -39.24 22.08 -21.51
C LEU B 108 -39.11 22.78 -20.15
N ALA B 109 -37.94 22.66 -19.51
CA ALA B 109 -37.80 23.12 -18.14
C ALA B 109 -37.25 24.53 -18.04
N GLY B 110 -36.47 24.98 -19.01
CA GLY B 110 -35.97 26.34 -19.04
C GLY B 110 -34.51 26.51 -18.66
N TYR B 111 -33.79 25.42 -18.39
CA TYR B 111 -32.38 25.53 -18.07
C TYR B 111 -31.67 24.25 -18.49
N ALA B 112 -30.37 24.36 -18.72
CA ALA B 112 -29.54 23.20 -18.99
C ALA B 112 -29.14 22.53 -17.69
N PRO B 113 -29.55 21.28 -17.46
CA PRO B 113 -29.23 20.63 -16.17
C PRO B 113 -27.73 20.46 -15.97
N LYS B 114 -27.26 20.83 -14.78
CA LYS B 114 -25.86 20.65 -14.44
C LYS B 114 -25.53 19.23 -14.00
N PHE B 115 -26.52 18.48 -13.51
CA PHE B 115 -26.29 17.16 -12.94
C PHE B 115 -26.57 16.07 -13.95
N ILE B 116 -25.69 15.08 -13.99
CA ILE B 116 -25.80 13.91 -14.86
C ILE B 116 -25.68 12.66 -13.97
N ARG B 117 -26.46 11.64 -14.30
CA ARG B 117 -26.28 10.33 -13.69
C ARG B 117 -26.10 9.30 -14.80
N PRO B 118 -24.97 8.57 -14.85
CA PRO B 118 -24.73 7.58 -15.90
C PRO B 118 -25.67 6.38 -15.74
N PXU B 119 -26.21 5.90 -16.85
CA PXU B 119 -27.04 4.68 -16.83
OA PXU B 119 -28.19 4.91 -16.04
CB PXU B 119 -27.56 4.42 -18.27
CG PXU B 119 -27.50 5.78 -18.94
CD PXU B 119 -26.61 6.66 -18.04
C PXU B 119 -26.21 3.47 -16.25
O PXU B 119 -25.02 3.31 -16.66
N TYR B 120 -26.81 2.69 -15.35
CA TYR B 120 -26.16 1.55 -14.71
C TYR B 120 -24.95 1.95 -13.87
N GLY B 121 -24.69 3.25 -13.76
CA GLY B 121 -23.52 3.75 -13.07
C GLY B 121 -22.23 3.64 -13.84
N GLU B 122 -22.26 3.13 -15.07
CA GLU B 122 -21.06 2.91 -15.85
C GLU B 122 -20.64 4.19 -16.56
N ILE B 123 -19.41 4.63 -16.32
CA ILE B 123 -18.84 5.77 -17.02
C ILE B 123 -17.33 5.61 -17.06
N LEU B 124 -16.72 6.17 -18.10
CA LEU B 124 -15.28 6.10 -18.30
C LEU B 124 -14.63 7.41 -17.84
N GLU B 125 -13.32 7.33 -17.57
CA GLU B 125 -12.61 8.49 -17.04
C GLU B 125 -12.60 9.65 -18.03
N ASN B 126 -12.40 9.37 -19.31
CA ASN B 126 -12.42 10.42 -20.32
C ASN B 126 -13.78 11.11 -20.38
N GLN B 127 -14.86 10.33 -20.21
CA GLN B 127 -16.19 10.91 -20.22
C GLN B 127 -16.41 11.81 -19.00
N LEU B 128 -15.82 11.44 -17.86
CA LEU B 128 -15.99 12.23 -16.66
C LEU B 128 -15.15 13.51 -16.72
N LYS B 129 -13.95 13.42 -17.30
CA LYS B 129 -13.12 14.60 -17.49
C LYS B 129 -13.81 15.62 -18.38
N TRP B 130 -14.39 15.17 -19.51
CA TRP B 130 -15.09 16.08 -20.40
C TRP B 130 -16.26 16.75 -19.71
N ALA B 131 -17.08 15.97 -19.00
CA ALA B 131 -18.21 16.53 -18.28
C ALA B 131 -17.75 17.52 -17.22
N THR B 132 -16.60 17.27 -16.58
CA THR B 132 -16.05 18.23 -15.63
C THR B 132 -15.64 19.53 -16.32
N GLU B 133 -14.93 19.41 -17.45
CA GLU B 133 -14.53 20.58 -18.20
C GLU B 133 -15.72 21.38 -18.70
N GLN B 134 -16.83 20.71 -19.01
CA GLN B 134 -18.05 21.37 -19.44
C GLN B 134 -18.92 21.81 -18.27
N ASN B 135 -18.40 21.76 -17.05
CA ASN B 135 -19.07 22.24 -15.84
C ASN B 135 -20.32 21.41 -15.51
N PHE B 136 -20.31 20.12 -15.85
CA PHE B 136 -21.30 19.19 -15.34
C PHE B 136 -20.83 18.63 -14.00
N MET B 137 -21.75 17.98 -13.28
CA MET B 137 -21.40 17.18 -12.12
C MET B 137 -22.16 15.87 -12.19
N ILE B 138 -21.45 14.76 -11.95
CA ILE B 138 -22.04 13.43 -12.00
C ILE B 138 -22.23 12.94 -10.58
N VAL B 139 -23.45 12.47 -10.27
CA VAL B 139 -23.79 11.96 -8.96
C VAL B 139 -24.32 10.54 -9.13
N GLN B 140 -23.67 9.58 -8.47
CA GLN B 140 -24.19 8.22 -8.41
C GLN B 140 -25.21 8.12 -7.29
N TRP B 141 -25.06 7.13 -6.41
CA TRP B 141 -26.00 6.97 -5.30
C TRP B 141 -25.32 6.17 -4.20
N SER B 142 -25.86 6.29 -2.99
CA SER B 142 -25.34 5.58 -1.83
CA SER B 142 -25.34 5.58 -1.83
C SER B 142 -26.30 4.57 -1.25
N VAL B 143 -27.60 4.66 -1.57
CA VAL B 143 -28.61 3.74 -1.06
C VAL B 143 -29.45 3.27 -2.24
N ASP B 144 -29.46 1.96 -2.48
CA ASP B 144 -30.19 1.36 -3.59
C ASP B 144 -31.44 0.68 -3.05
N THR B 145 -32.60 1.21 -3.44
CA THR B 145 -33.87 0.60 -3.04
C THR B 145 -34.20 -0.66 -3.84
N VAL B 146 -33.42 -0.97 -4.88
CA VAL B 146 -33.66 -2.02 -5.87
C VAL B 146 -35.15 -2.13 -6.19
N ASP B 147 -35.82 -0.99 -6.33
CA ASP B 147 -37.26 -0.97 -6.54
C ASP B 147 -37.65 -1.52 -7.91
N TRP B 148 -36.74 -1.50 -8.88
CA TRP B 148 -37.05 -2.00 -10.21
C TRP B 148 -37.36 -3.50 -10.21
N LYS B 149 -37.01 -4.21 -9.14
CA LYS B 149 -37.34 -5.62 -9.00
C LYS B 149 -38.79 -5.85 -8.60
N GLY B 150 -39.59 -4.79 -8.47
CA GLY B 150 -40.96 -4.93 -8.01
C GLY B 150 -41.01 -5.44 -6.58
N VAL B 151 -40.22 -4.83 -5.71
CA VAL B 151 -40.11 -5.27 -4.33
C VAL B 151 -41.20 -4.63 -3.50
N SER B 152 -41.45 -5.20 -2.31
CA SER B 152 -42.49 -4.75 -1.42
C SER B 152 -42.23 -3.31 -0.96
N ALA B 153 -43.26 -2.68 -0.38
CA ALA B 153 -43.09 -1.36 0.20
C ALA B 153 -42.39 -1.43 1.56
N ASP B 154 -42.72 -2.45 2.36
CA ASP B 154 -42.00 -2.64 3.62
C ASP B 154 -40.57 -3.08 3.36
N THR B 155 -40.35 -3.88 2.31
CA THR B 155 -38.99 -4.29 1.95
C THR B 155 -38.14 -3.09 1.55
N ILE B 156 -38.71 -2.17 0.78
CA ILE B 156 -37.97 -0.96 0.41
C ILE B 156 -37.73 -0.08 1.63
N THR B 157 -38.73 0.05 2.50
CA THR B 157 -38.59 0.89 3.69
C THR B 157 -37.50 0.36 4.60
N ASN B 158 -37.43 -0.96 4.78
CA ASN B 158 -36.39 -1.54 5.62
C ASN B 158 -35.00 -1.31 5.03
N ASN B 159 -34.89 -1.33 3.70
CA ASN B 159 -33.59 -1.14 3.06
C ASN B 159 -33.10 0.30 3.20
N VAL B 160 -33.99 1.26 2.94
CA VAL B 160 -33.60 2.67 3.01
C VAL B 160 -33.25 3.06 4.44
N LEU B 161 -34.11 2.69 5.40
CA LEU B 161 -33.86 3.09 6.79
C LEU B 161 -32.63 2.40 7.37
N GLY B 162 -32.28 1.22 6.87
CA GLY B 162 -31.12 0.52 7.38
C GLY B 162 -29.79 1.00 6.84
N ASN B 163 -29.79 1.69 5.70
CA ASN B 163 -28.54 2.13 5.07
C ASN B 163 -28.43 3.63 4.89
N SER B 164 -29.38 4.42 5.39
CA SER B 164 -29.34 5.86 5.22
C SER B 164 -28.54 6.52 6.32
N PHE B 165 -27.72 7.50 5.92
CA PHE B 165 -26.84 8.24 6.82
C PHE B 165 -26.86 9.70 6.41
N PRO B 166 -26.34 10.62 7.24
CA PRO B 166 -26.17 12.00 6.78
C PRO B 166 -25.38 12.09 5.47
N GLY B 167 -26.05 12.57 4.41
CA GLY B 167 -25.44 12.68 3.11
C GLY B 167 -25.84 11.62 2.11
N SER B 168 -26.76 10.74 2.47
CA SER B 168 -27.14 9.64 1.59
C SER B 168 -27.85 10.15 0.33
N VAL B 169 -27.60 9.47 -0.78
CA VAL B 169 -28.27 9.73 -2.05
C VAL B 169 -29.06 8.47 -2.39
N ILE B 170 -30.37 8.56 -2.30
CA ILE B 170 -31.25 7.40 -2.45
C ILE B 170 -31.72 7.32 -3.89
N LEU B 171 -31.71 6.11 -4.46
CA LEU B 171 -32.05 5.87 -5.85
C LEU B 171 -33.39 5.15 -5.94
N GLN B 172 -34.34 5.76 -6.64
CA GLN B 172 -35.61 5.14 -6.99
C GLN B 172 -35.87 5.35 -8.48
N HIS B 173 -36.90 4.70 -9.00
CA HIS B 173 -37.19 4.73 -10.42
C HIS B 173 -38.63 5.12 -10.69
N SER B 174 -38.84 5.80 -11.80
CA SER B 174 -40.15 6.10 -12.37
C SER B 174 -40.18 5.66 -13.83
N THR B 175 -39.69 4.45 -14.07
CA THR B 175 -39.60 3.92 -15.42
C THR B 175 -41.00 3.67 -15.99
N PRO B 176 -41.25 4.03 -17.24
CA PRO B 176 -42.53 3.68 -17.87
C PRO B 176 -42.72 2.18 -17.93
N GLY B 177 -43.85 1.72 -17.41
CA GLY B 177 -44.15 0.30 -17.41
C GLY B 177 -43.39 -0.54 -16.42
N GLY B 178 -42.68 0.08 -15.46
CA GLY B 178 -42.02 -0.66 -14.41
C GLY B 178 -42.98 -1.15 -13.34
N HIS B 179 -42.49 -2.06 -12.51
CA HIS B 179 -43.23 -2.52 -11.34
C HIS B 179 -42.82 -1.69 -10.13
N LEU B 180 -43.28 -0.44 -10.13
CA LEU B 180 -42.79 0.56 -9.20
C LEU B 180 -43.89 1.06 -8.27
N GLN B 181 -44.93 0.25 -8.05
CA GLN B 181 -46.05 0.67 -7.21
C GLN B 181 -45.72 0.55 -5.72
N GLY B 182 -45.05 -0.54 -5.31
CA GLY B 182 -44.58 -0.62 -3.95
C GLY B 182 -43.54 0.43 -3.61
N SER B 183 -42.83 0.94 -4.61
CA SER B 183 -41.84 1.99 -4.39
C SER B 183 -42.52 3.35 -4.17
N VAL B 184 -43.62 3.61 -4.87
CA VAL B 184 -44.37 4.84 -4.63
C VAL B 184 -45.01 4.79 -3.24
N ASP B 185 -45.53 3.63 -2.85
CA ASP B 185 -46.13 3.47 -1.53
C ASP B 185 -45.10 3.70 -0.43
N ALA B 186 -43.86 3.24 -0.64
CA ALA B 186 -42.84 3.31 0.40
C ALA B 186 -42.50 4.75 0.78
N LEU B 187 -42.80 5.72 -0.08
CA LEU B 187 -42.53 7.12 0.26
C LEU B 187 -43.29 7.56 1.49
N ASP B 188 -44.49 7.02 1.71
CA ASP B 188 -45.28 7.40 2.87
C ASP B 188 -44.68 6.89 4.18
N LYS B 189 -43.79 5.91 4.13
CA LYS B 189 -43.12 5.39 5.31
C LYS B 189 -41.67 5.87 5.41
N ILE B 190 -40.97 5.99 4.28
CA ILE B 190 -39.58 6.41 4.30
C ILE B 190 -39.44 7.84 4.79
N ILE B 191 -40.22 8.76 4.22
CA ILE B 191 -40.04 10.18 4.53
C ILE B 191 -40.31 10.49 6.00
N PRO B 192 -41.42 10.03 6.61
CA PRO B 192 -41.61 10.33 8.04
C PRO B 192 -40.61 9.63 8.95
N GLN B 193 -40.33 8.35 8.70
CA GLN B 193 -39.39 7.63 9.56
C GLN B 193 -37.98 8.20 9.49
N LEU B 194 -37.61 8.77 8.34
CA LEU B 194 -36.33 9.47 8.25
C LEU B 194 -36.40 10.82 8.96
N LYS B 195 -37.53 11.51 8.85
CA LYS B 195 -37.67 12.80 9.52
C LYS B 195 -37.64 12.66 11.04
N THR B 196 -38.17 11.55 11.57
CA THR B 196 -38.15 11.35 13.01
C THR B 196 -36.74 11.36 13.57
N LYS B 197 -35.76 10.92 12.78
CA LYS B 197 -34.37 10.88 13.19
C LYS B 197 -33.63 12.18 12.91
N GLY B 198 -34.34 13.24 12.52
CA GLY B 198 -33.73 14.52 12.27
C GLY B 198 -33.25 14.75 10.86
N ALA B 199 -33.54 13.84 9.93
CA ALA B 199 -33.11 14.00 8.55
C ALA B 199 -34.01 14.98 7.82
N ARG B 200 -33.39 15.81 6.98
CA ARG B 200 -34.11 16.70 6.08
C ARG B 200 -33.77 16.34 4.64
N PHE B 201 -34.76 16.51 3.76
CA PHE B 201 -34.61 16.15 2.36
C PHE B 201 -34.26 17.38 1.55
N VAL B 202 -33.18 17.28 0.77
CA VAL B 202 -32.69 18.38 -0.06
C VAL B 202 -32.57 17.89 -1.50
N THR B 203 -32.31 18.82 -2.39
CA THR B 203 -31.98 18.49 -3.78
C THR B 203 -30.47 18.39 -3.92
N LEU B 204 -30.03 17.82 -5.05
CA LEU B 204 -28.60 17.72 -5.31
C LEU B 204 -27.91 19.08 -5.35
N PRO B 205 -28.43 20.12 -6.01
CA PRO B 205 -27.75 21.42 -5.96
C PRO B 205 -27.58 21.95 -4.54
N SER B 206 -28.56 21.71 -3.66
CA SER B 206 -28.41 22.14 -2.27
C SER B 206 -27.39 21.29 -1.54
N MET B 207 -27.37 19.98 -1.82
CA MET B 207 -26.45 19.08 -1.11
C MET B 207 -24.99 19.37 -1.47
N PHE B 208 -24.72 19.67 -2.73
CA PHE B 208 -23.35 19.85 -3.20
C PHE B 208 -22.98 21.31 -3.41
N GLN B 209 -23.78 22.24 -2.91
CA GLN B 209 -23.46 23.67 -2.89
C GLN B 209 -23.13 24.19 -4.28
N THR B 210 -24.07 23.98 -5.19
CA THR B 210 -23.88 24.37 -6.58
C THR B 210 -25.24 24.69 -7.20
N SER B 211 -25.19 25.21 -8.42
CA SER B 211 -26.41 25.60 -9.13
C SER B 211 -27.03 24.42 -9.85
N LYS B 212 -28.36 24.47 -10.01
CA LYS B 212 -29.05 23.46 -10.80
C LYS B 212 -28.81 23.65 -12.30
N GLU B 213 -28.33 24.81 -12.70
CA GLU B 213 -28.07 25.12 -14.10
C GLU B 213 -26.60 24.92 -14.41
N ARG B 214 -26.31 24.56 -15.65
CA ARG B 214 -24.94 24.26 -16.06
C ARG B 214 -24.18 25.54 -16.43
N TRP C 1 27.63 -15.31 -16.99
CA TRP C 1 27.98 -14.25 -16.07
C TRP C 1 28.92 -13.25 -16.72
N THR C 2 29.06 -12.07 -16.11
CA THR C 2 29.96 -11.01 -16.52
C THR C 2 30.89 -10.65 -15.38
N PRO C 3 32.07 -10.07 -15.68
CA PRO C 3 33.02 -9.75 -14.62
C PRO C 3 32.47 -8.69 -13.67
N PHE C 4 32.77 -8.86 -12.37
CA PHE C 4 32.45 -7.83 -11.39
C PHE C 4 33.26 -6.56 -11.64
N SER C 5 34.46 -6.70 -12.19
CA SER C 5 35.34 -5.56 -12.44
C SER C 5 34.77 -4.59 -13.46
N TRP C 6 33.72 -4.96 -14.19
CA TRP C 6 33.12 -4.04 -15.15
C TRP C 6 32.41 -2.89 -14.45
N VAL C 7 31.92 -3.09 -13.23
CA VAL C 7 31.26 -1.99 -12.51
C VAL C 7 32.25 -0.89 -12.15
N GLU C 8 33.55 -1.19 -12.15
CA GLU C 8 34.58 -0.20 -11.89
C GLU C 8 35.16 0.40 -13.17
N LYS C 9 35.12 -0.33 -14.27
CA LYS C 9 35.71 0.15 -15.52
C LYS C 9 34.72 0.91 -16.39
N TYR C 10 33.45 0.49 -16.41
CA TYR C 10 32.48 1.03 -17.35
C TYR C 10 31.22 1.47 -16.60
N ALA C 11 30.34 2.15 -17.34
CA ALA C 11 29.01 2.49 -16.83
C ALA C 11 28.17 1.23 -16.77
N TYR C 12 28.28 0.48 -15.67
CA TYR C 12 27.74 -0.86 -15.57
C TYR C 12 27.40 -1.12 -14.11
N ALA C 13 26.19 -1.62 -13.85
CA ALA C 13 25.75 -1.81 -12.48
C ALA C 13 24.69 -2.89 -12.41
N PHE C 14 24.64 -3.57 -11.27
CA PHE C 14 23.61 -4.56 -10.98
C PHE C 14 22.56 -4.05 -9.99
N SER C 15 22.91 -3.09 -9.14
CA SER C 15 22.01 -2.59 -8.12
C SER C 15 22.46 -1.18 -7.73
N GLY C 16 21.69 -0.55 -6.84
CA GLY C 16 21.89 0.84 -6.49
C GLY C 16 22.56 1.05 -5.15
N PRO C 17 22.59 2.30 -4.69
CA PRO C 17 23.32 2.62 -3.45
C PRO C 17 22.73 1.91 -2.24
N TYR C 18 23.62 1.37 -1.41
CA TYR C 18 23.21 0.60 -0.25
C TYR C 18 22.67 1.45 0.89
N ASN C 19 23.01 2.74 0.94
CA ASN C 19 22.59 3.62 2.03
C ASN C 19 21.37 4.46 1.66
N LYS C 20 20.57 4.00 0.70
CA LYS C 20 19.31 4.64 0.36
C LYS C 20 18.19 3.61 0.49
N ALA C 21 17.08 4.02 1.10
CA ALA C 21 15.94 3.12 1.28
C ALA C 21 15.10 3.06 0.02
N GLU C 22 15.73 2.79 -1.12
CA GLU C 22 15.07 2.86 -2.42
C GLU C 22 15.30 1.58 -3.21
N VAL C 23 14.23 1.06 -3.81
CA VAL C 23 14.29 -0.07 -4.73
C VAL C 23 13.69 0.35 -6.06
N ALA C 24 13.99 -0.42 -7.10
CA ALA C 24 13.62 -0.05 -8.47
C ALA C 24 12.94 -1.24 -9.15
N LEU C 25 11.70 -1.02 -9.59
CA LEU C 25 10.99 -1.98 -10.41
C LEU C 25 11.28 -1.72 -11.88
N THR C 26 11.56 -2.79 -12.63
CA THR C 26 11.88 -2.67 -14.05
C THR C 26 11.13 -3.75 -14.82
N PHE C 27 10.77 -3.41 -16.06
CA PHE C 27 9.98 -4.29 -16.90
C PHE C 27 10.57 -4.30 -18.31
N ASP C 28 10.78 -5.50 -18.86
CA ASP C 28 11.38 -5.67 -20.18
C ASP C 28 10.35 -6.15 -21.19
N ASP C 29 10.76 -6.07 -22.46
CA ASP C 29 10.06 -6.61 -23.64
C ASP C 29 8.80 -5.83 -23.99
N GLY C 30 8.56 -4.70 -23.37
CA GLY C 30 7.42 -3.87 -23.74
C GLY C 30 7.69 -3.09 -25.01
N PRO C 31 6.64 -2.42 -25.52
CA PRO C 31 5.29 -2.46 -24.96
C PRO C 31 4.46 -3.62 -25.52
N ASP C 32 3.31 -3.86 -24.92
CA ASP C 32 2.34 -4.80 -25.45
C ASP C 32 0.94 -4.28 -25.14
N LEU C 33 -0.07 -5.01 -25.59
CA LEU C 33 -1.44 -4.55 -25.47
C LEU C 33 -2.14 -5.03 -24.21
N GLU C 34 -1.61 -6.04 -23.52
CA GLU C 34 -2.27 -6.61 -22.36
C GLU C 34 -1.56 -6.27 -21.06
N PHE C 35 -0.30 -6.72 -20.90
CA PHE C 35 0.35 -6.61 -19.60
C PHE C 35 0.88 -5.21 -19.33
N THR C 36 1.49 -4.57 -20.33
CA THR C 36 1.98 -3.21 -20.14
C THR C 36 0.88 -2.24 -19.69
N PRO C 37 -0.34 -2.25 -20.24
CA PRO C 37 -1.38 -1.39 -19.67
C PRO C 37 -1.80 -1.81 -18.27
N LYS C 38 -1.90 -3.12 -18.01
CA LYS C 38 -2.24 -3.57 -16.66
C LYS C 38 -1.17 -3.17 -15.66
N ILE C 39 0.10 -3.24 -16.05
CA ILE C 39 1.18 -2.80 -15.17
C ILE C 39 1.05 -1.31 -14.89
N LEU C 40 0.69 -0.53 -15.91
CA LEU C 40 0.54 0.92 -15.72
C LEU C 40 -0.58 1.25 -14.74
N ASP C 41 -1.63 0.43 -14.70
CA ASP C 41 -2.73 0.70 -13.78
C ASP C 41 -2.31 0.42 -12.33
N LYS C 42 -1.54 -0.65 -12.11
CA LYS C 42 -1.08 -0.95 -10.76
C LYS C 42 -0.11 0.11 -10.26
N LEU C 43 0.80 0.58 -11.13
CA LEU C 43 1.73 1.62 -10.74
C LEU C 43 1.01 2.92 -10.45
N LYS C 44 -0.05 3.22 -11.20
CA LYS C 44 -0.83 4.43 -10.95
C LYS C 44 -1.61 4.31 -9.64
N GLN C 45 -2.16 3.12 -9.36
CA GLN C 45 -2.88 2.90 -8.11
C GLN C 45 -1.97 3.07 -6.91
N HIS C 46 -0.81 2.42 -6.93
CA HIS C 46 0.13 2.48 -5.81
C HIS C 46 1.01 3.71 -5.84
N ASN C 47 0.82 4.61 -6.82
CA ASN C 47 1.61 5.85 -6.94
C ASN C 47 3.10 5.53 -7.00
N VAL C 48 3.46 4.59 -7.87
CA VAL C 48 4.82 4.09 -7.98
C VAL C 48 5.31 4.33 -9.41
N LYS C 49 6.43 5.02 -9.55
CA LYS C 49 7.07 5.20 -10.84
C LYS C 49 8.10 4.09 -11.05
N ALA C 50 8.23 3.63 -12.29
CA ALA C 50 9.09 2.50 -12.61
C ALA C 50 9.88 2.83 -13.87
N THR C 51 10.58 1.82 -14.40
CA THR C 51 11.43 1.97 -15.57
C THR C 51 11.10 0.84 -16.55
N PHE C 52 10.95 1.19 -17.83
CA PHE C 52 10.55 0.24 -18.86
C PHE C 52 11.66 0.16 -19.92
N PHE C 53 12.20 -1.05 -20.10
CA PHE C 53 13.16 -1.31 -21.17
C PHE C 53 12.38 -1.83 -22.37
N LEU C 54 12.09 -0.94 -23.31
CA LEU C 54 11.20 -1.23 -24.42
C LEU C 54 11.96 -1.75 -25.62
N LEU C 55 11.41 -2.80 -26.25
CA LEU C 55 11.97 -3.30 -27.50
C LEU C 55 11.58 -2.39 -28.65
N GLY C 56 12.54 -2.15 -29.55
CA GLY C 56 12.31 -1.23 -30.65
C GLY C 56 11.22 -1.70 -31.60
N GLU C 57 11.16 -3.00 -31.86
CA GLU C 57 10.16 -3.51 -32.79
C GLU C 57 8.76 -3.51 -32.20
N ASN C 58 8.65 -3.59 -30.87
CA ASN C 58 7.34 -3.51 -30.23
C ASN C 58 6.86 -2.08 -30.08
N ALA C 59 7.78 -1.13 -29.93
CA ALA C 59 7.40 0.27 -29.84
C ALA C 59 6.79 0.77 -31.15
N GLU C 60 7.20 0.19 -32.28
CA GLU C 60 6.60 0.56 -33.56
C GLU C 60 5.15 0.11 -33.63
N LYS C 61 4.88 -1.14 -33.23
CA LYS C 61 3.53 -1.69 -33.35
C LYS C 61 2.56 -1.02 -32.39
N PHE C 62 3.01 -0.60 -31.21
CA PHE C 62 2.16 0.01 -30.20
C PHE C 62 2.78 1.33 -29.74
N PRO C 63 2.73 2.37 -30.57
CA PRO C 63 3.34 3.64 -30.18
C PRO C 63 2.53 4.43 -29.16
N ASN C 64 1.24 4.16 -29.01
CA ASN C 64 0.44 4.88 -28.02
C ASN C 64 0.75 4.45 -26.60
N ILE C 65 0.94 3.15 -26.38
CA ILE C 65 1.34 2.66 -25.07
C ILE C 65 2.71 3.20 -24.69
N VAL C 66 3.59 3.36 -25.68
CA VAL C 66 4.85 4.05 -25.44
C VAL C 66 4.59 5.48 -24.97
N LYS C 67 3.56 6.11 -25.53
CA LYS C 67 3.23 7.48 -25.14
C LYS C 67 2.53 7.54 -23.78
N ARG C 68 1.73 6.52 -23.43
CA ARG C 68 1.11 6.50 -22.12
C ARG C 68 2.14 6.38 -21.02
N ILE C 69 3.21 5.60 -21.27
CA ILE C 69 4.25 5.41 -20.27
C ILE C 69 4.96 6.73 -19.97
N ALA C 70 5.31 7.48 -21.01
CA ALA C 70 6.01 8.74 -20.82
C ALA C 70 5.11 9.78 -20.17
N ASN C 71 3.80 9.74 -20.45
CA ASN C 71 2.89 10.73 -19.88
C ASN C 71 2.68 10.51 -18.38
N GLU C 72 2.73 9.25 -17.93
CA GLU C 72 2.47 8.92 -16.53
C GLU C 72 3.73 8.91 -15.68
N GLY C 73 4.79 9.61 -16.11
CA GLY C 73 5.93 9.89 -15.27
C GLY C 73 6.97 8.80 -15.17
N HIS C 74 6.88 7.74 -15.97
CA HIS C 74 7.86 6.67 -15.91
C HIS C 74 9.06 6.97 -16.79
N VAL C 75 10.07 6.11 -16.71
CA VAL C 75 11.31 6.26 -17.46
C VAL C 75 11.40 5.12 -18.47
N ILE C 76 11.93 5.44 -19.66
CA ILE C 76 12.07 4.49 -20.75
C ILE C 76 13.54 4.19 -20.96
N GLY C 77 13.87 2.91 -21.16
CA GLY C 77 15.21 2.47 -21.47
C GLY C 77 15.26 1.71 -22.78
N ASN C 78 16.49 1.52 -23.27
CA ASN C 78 16.71 0.84 -24.54
C ASN C 78 16.97 -0.64 -24.32
N HIS C 79 16.19 -1.48 -24.99
CA HIS C 79 16.31 -2.94 -24.86
C HIS C 79 16.65 -3.59 -26.20
N THR C 80 17.41 -2.87 -27.04
CA THR C 80 17.70 -3.24 -28.43
C THR C 80 16.42 -3.34 -29.26
N TYR C 81 16.57 -3.67 -30.54
CA TYR C 81 15.45 -3.64 -31.48
C TYR C 81 14.65 -4.94 -31.47
N SER C 82 15.29 -6.04 -31.89
CA SER C 82 14.59 -7.31 -32.06
C SER C 82 15.07 -8.38 -31.08
N HIS C 83 15.61 -7.96 -29.93
CA HIS C 83 15.99 -8.85 -28.84
C HIS C 83 16.93 -9.97 -29.26
N PRO C 84 18.10 -9.67 -29.81
CA PRO C 84 19.07 -10.73 -30.11
C PRO C 84 20.08 -10.89 -28.98
N ASN C 85 20.81 -12.01 -29.05
CA ASN C 85 21.93 -12.25 -28.14
C ASN C 85 23.10 -11.42 -28.64
N LEU C 86 23.38 -10.31 -27.94
CA LEU C 86 24.44 -9.41 -28.39
C LEU C 86 25.82 -10.05 -28.35
N ALA C 87 25.96 -11.18 -27.65
CA ALA C 87 27.22 -11.91 -27.68
C ALA C 87 27.45 -12.61 -29.02
N LYS C 88 26.39 -12.76 -29.83
CA LYS C 88 26.48 -13.48 -31.09
C LYS C 88 26.50 -12.58 -32.31
N VAL C 89 26.22 -11.29 -32.15
CA VAL C 89 26.11 -10.38 -33.30
C VAL C 89 27.45 -9.70 -33.52
N ASN C 90 27.65 -9.21 -34.75
CA ASN C 90 28.85 -8.45 -35.04
C ASN C 90 28.70 -7.02 -34.54
N GLU C 91 29.81 -6.28 -34.57
CA GLU C 91 29.84 -4.96 -33.94
C GLU C 91 28.94 -3.96 -34.67
N ASP C 92 28.77 -4.11 -35.98
CA ASP C 92 27.87 -3.21 -36.70
C ASP C 92 26.41 -3.50 -36.36
N GLU C 93 26.07 -4.78 -36.19
CA GLU C 93 24.68 -5.13 -35.86
C GLU C 93 24.33 -4.71 -34.44
N TYR C 94 25.28 -4.84 -33.51
CA TYR C 94 25.04 -4.38 -32.15
C TYR C 94 24.79 -2.87 -32.12
N ARG C 95 25.67 -2.10 -32.76
CA ARG C 95 25.49 -0.65 -32.81
C ARG C 95 24.18 -0.28 -33.49
N ASN C 96 23.78 -1.04 -34.52
CA ASN C 96 22.54 -0.73 -35.21
C ASN C 96 21.33 -1.01 -34.32
N GLN C 97 21.33 -2.14 -33.61
CA GLN C 97 20.22 -2.47 -32.72
C GLN C 97 20.00 -1.39 -31.66
N ILE C 98 21.06 -0.75 -31.20
CA ILE C 98 20.94 0.26 -30.15
C ILE C 98 20.45 1.58 -30.74
N ILE C 99 21.09 2.05 -31.81
CA ILE C 99 20.76 3.36 -32.36
C ILE C 99 19.42 3.33 -33.08
N LYS C 100 19.09 2.21 -33.72
CA LYS C 100 17.79 2.09 -34.37
C LYS C 100 16.65 2.22 -33.36
N THR C 101 16.79 1.58 -32.21
CA THR C 101 15.78 1.69 -31.16
C THR C 101 15.78 3.09 -30.54
N GLU C 102 16.97 3.65 -30.34
CA GLU C 102 17.06 5.00 -29.78
C GLU C 102 16.34 6.02 -30.66
N GLU C 103 16.42 5.86 -31.98
CA GLU C 103 15.71 6.77 -32.88
C GLU C 103 14.21 6.61 -32.74
N ILE C 104 13.73 5.37 -32.58
CA ILE C 104 12.29 5.14 -32.42
C ILE C 104 11.80 5.75 -31.11
N LEU C 105 12.53 5.54 -30.03
CA LEU C 105 12.08 5.99 -28.71
C LEU C 105 12.19 7.50 -28.58
N ASN C 106 13.28 8.10 -29.06
CA ASN C 106 13.39 9.55 -29.09
C ASN C 106 12.22 10.18 -29.83
N ARG C 107 11.67 9.48 -30.81
CA ARG C 107 10.58 10.02 -31.61
C ARG C 107 9.24 9.93 -30.88
N LEU C 108 8.99 8.84 -30.18
CA LEU C 108 7.72 8.63 -29.50
C LEU C 108 7.72 9.12 -28.06
N ALA C 109 8.88 9.39 -27.47
CA ALA C 109 8.96 9.83 -26.08
C ALA C 109 9.60 11.20 -25.90
N GLY C 110 10.37 11.68 -26.87
CA GLY C 110 10.97 12.99 -26.79
C GLY C 110 12.39 13.04 -26.26
N TYR C 111 13.03 11.89 -26.05
CA TYR C 111 14.40 11.88 -25.56
C TYR C 111 15.06 10.56 -25.92
N ALA C 112 16.38 10.60 -26.12
CA ALA C 112 17.17 9.41 -26.38
C ALA C 112 17.54 8.74 -25.06
N PRO C 113 17.03 7.53 -24.80
CA PRO C 113 17.20 6.93 -23.47
C PRO C 113 18.67 6.70 -23.12
N LYS C 114 19.01 6.99 -21.87
CA LYS C 114 20.40 6.84 -21.43
C LYS C 114 20.69 5.42 -20.97
N PHE C 115 19.67 4.70 -20.50
CA PHE C 115 19.84 3.39 -19.90
C PHE C 115 19.54 2.28 -20.90
N ILE C 116 20.37 1.24 -20.86
CA ILE C 116 20.25 0.08 -21.74
C ILE C 116 20.29 -1.17 -20.88
N ARG C 117 19.49 -2.17 -21.24
CA ARG C 117 19.60 -3.51 -20.65
C ARG C 117 19.77 -4.50 -21.79
N PRO C 118 20.88 -5.24 -21.86
CA PRO C 118 21.08 -6.25 -22.90
C PRO C 118 20.20 -7.47 -22.71
N PXU C 119 19.66 -8.01 -23.80
CA PXU C 119 18.84 -9.24 -23.74
OA PXU C 119 17.63 -8.96 -23.03
CB PXU C 119 18.41 -9.58 -25.19
CG PXU C 119 18.44 -8.24 -25.92
CD PXU C 119 19.25 -7.29 -25.01
C PXU C 119 19.62 -10.42 -23.06
O PXU C 119 20.84 -10.56 -23.31
N TYR C 120 18.93 -11.20 -22.22
CA TYR C 120 19.52 -12.33 -21.52
C TYR C 120 20.67 -11.90 -20.61
N GLY C 121 20.85 -10.60 -20.45
CA GLY C 121 21.97 -10.08 -19.67
C GLY C 121 23.32 -10.30 -20.31
N GLU C 122 23.38 -10.65 -21.59
CA GLU C 122 24.61 -10.98 -22.27
C GLU C 122 25.14 -9.78 -23.03
N ILE C 123 26.41 -9.44 -22.80
CA ILE C 123 27.03 -8.31 -23.47
C ILE C 123 28.54 -8.54 -23.46
N LEU C 124 29.21 -8.13 -24.53
CA LEU C 124 30.65 -8.27 -24.66
C LEU C 124 31.34 -6.99 -24.18
N GLU C 125 32.63 -7.14 -23.83
CA GLU C 125 33.38 -6.02 -23.27
C GLU C 125 33.51 -4.88 -24.29
N ASN C 126 33.81 -5.20 -25.55
CA ASN C 126 33.91 -4.17 -26.57
C ASN C 126 32.58 -3.46 -26.77
N GLN C 127 31.48 -4.21 -26.69
CA GLN C 127 30.16 -3.59 -26.79
C GLN C 127 29.90 -2.67 -25.61
N LEU C 128 30.34 -3.05 -24.42
CA LEU C 128 30.12 -2.22 -23.24
C LEU C 128 31.06 -1.03 -23.23
N LYS C 129 32.31 -1.23 -23.65
CA LYS C 129 33.25 -0.12 -23.76
C LYS C 129 32.71 0.98 -24.68
N TRP C 130 32.05 0.58 -25.77
CA TRP C 130 31.50 1.56 -26.70
C TRP C 130 30.33 2.30 -26.08
N ALA C 131 29.48 1.60 -25.33
CA ALA C 131 28.33 2.25 -24.72
C ALA C 131 28.76 3.30 -23.70
N THR C 132 29.82 3.02 -22.96
CA THR C 132 30.33 4.00 -21.99
C THR C 132 30.87 5.23 -22.69
N GLU C 133 31.61 5.04 -23.79
CA GLU C 133 32.13 6.17 -24.54
C GLU C 133 30.99 6.98 -25.16
N GLN C 134 29.92 6.30 -25.59
CA GLN C 134 28.73 6.96 -26.10
C GLN C 134 27.82 7.48 -25.00
N ASN C 135 28.30 7.52 -23.76
CA ASN C 135 27.58 8.07 -22.62
C ASN C 135 26.28 7.31 -22.32
N PHE C 136 26.27 6.01 -22.61
CA PHE C 136 25.19 5.15 -22.15
C PHE C 136 25.51 4.61 -20.76
N MET C 137 24.50 4.02 -20.13
CA MET C 137 24.70 3.28 -18.88
C MET C 137 23.89 1.99 -18.95
N ILE C 138 24.55 0.86 -18.76
CA ILE C 138 23.90 -0.45 -18.76
C ILE C 138 23.62 -0.85 -17.33
N VAL C 139 22.37 -1.20 -17.04
CA VAL C 139 21.96 -1.67 -15.72
C VAL C 139 21.38 -3.06 -15.89
N GLN C 140 21.96 -4.04 -15.18
CA GLN C 140 21.42 -5.39 -15.18
C GLN C 140 20.31 -5.48 -14.12
N TRP C 141 20.40 -6.48 -13.25
CA TRP C 141 19.43 -6.64 -12.19
C TRP C 141 20.04 -7.51 -11.10
N SER C 142 19.45 -7.43 -9.90
CA SER C 142 19.89 -8.24 -8.78
C SER C 142 18.78 -9.07 -8.16
N VAL C 143 17.53 -8.87 -8.55
CA VAL C 143 16.39 -9.63 -8.07
C VAL C 143 15.63 -10.16 -9.28
N ASP C 144 15.62 -11.47 -9.47
CA ASP C 144 14.98 -12.11 -10.61
C ASP C 144 13.68 -12.74 -10.15
N THR C 145 12.55 -12.16 -10.57
CA THR C 145 11.25 -12.69 -10.22
C THR C 145 10.94 -14.01 -10.92
N VAL C 146 11.70 -14.37 -11.95
CA VAL C 146 11.47 -15.58 -12.75
C VAL C 146 10.02 -15.60 -13.22
N ASP C 147 9.46 -14.42 -13.51
CA ASP C 147 8.04 -14.33 -13.83
C ASP C 147 7.73 -14.89 -15.21
N TRP C 148 8.71 -14.96 -16.11
CA TRP C 148 8.46 -15.51 -17.44
C TRP C 148 8.15 -17.00 -17.39
N LYS C 149 8.49 -17.68 -16.31
CA LYS C 149 8.11 -19.08 -16.13
C LYS C 149 6.62 -19.25 -15.87
N GLY C 150 5.89 -18.16 -15.64
CA GLY C 150 4.45 -18.26 -15.40
C GLY C 150 4.07 -18.67 -14.00
N VAL C 151 4.93 -18.41 -13.02
CA VAL C 151 4.65 -18.79 -11.64
C VAL C 151 3.61 -17.86 -11.05
N SER C 152 3.12 -18.21 -9.85
CA SER C 152 2.04 -17.47 -9.21
C SER C 152 2.56 -16.15 -8.62
N ALA C 153 1.62 -15.30 -8.20
CA ALA C 153 1.99 -14.05 -7.56
C ALA C 153 2.57 -14.31 -6.17
N ASP C 154 2.06 -15.32 -5.46
CA ASP C 154 2.62 -15.67 -4.15
C ASP C 154 4.06 -16.10 -4.27
N THR C 155 4.39 -16.89 -5.30
CA THR C 155 5.76 -17.33 -5.50
C THR C 155 6.67 -16.17 -5.86
N ILE C 156 6.21 -15.29 -6.75
CA ILE C 156 6.99 -14.12 -7.12
C ILE C 156 7.17 -13.21 -5.91
N THR C 157 6.10 -12.99 -5.14
CA THR C 157 6.17 -12.07 -4.00
C THR C 157 7.17 -12.56 -2.96
N ASN C 158 7.10 -13.84 -2.61
CA ASN C 158 8.06 -14.39 -1.65
C ASN C 158 9.48 -14.28 -2.18
N ASN C 159 9.67 -14.57 -3.47
CA ASN C 159 11.00 -14.49 -4.06
C ASN C 159 11.53 -13.06 -4.04
N VAL C 160 10.65 -12.07 -4.24
CA VAL C 160 11.08 -10.67 -4.22
C VAL C 160 11.35 -10.22 -2.79
N LEU C 161 10.41 -10.51 -1.88
CA LEU C 161 10.56 -10.07 -0.50
C LEU C 161 11.73 -10.76 0.20
N GLY C 162 12.06 -11.98 -0.22
CA GLY C 162 13.17 -12.71 0.39
C GLY C 162 14.55 -12.30 -0.07
N ASN C 163 14.65 -11.51 -1.15
CA ASN C 163 15.94 -11.13 -1.70
C ASN C 163 16.06 -9.63 -1.97
N SER C 164 15.11 -8.82 -1.52
CA SER C 164 15.14 -7.39 -1.78
C SER C 164 15.84 -6.66 -0.63
N PHE C 165 16.75 -5.77 -0.99
CA PHE C 165 17.54 -4.99 -0.05
C PHE C 165 17.58 -3.55 -0.54
N PRO C 166 17.98 -2.60 0.31
CA PRO C 166 18.17 -1.23 -0.16
C PRO C 166 19.06 -1.16 -1.39
N GLY C 167 18.54 -0.59 -2.48
CA GLY C 167 19.26 -0.51 -3.73
C GLY C 167 18.97 -1.63 -4.70
N SER C 168 18.05 -2.54 -4.37
CA SER C 168 17.75 -3.66 -5.26
C SER C 168 17.13 -3.16 -6.57
N VAL C 169 17.41 -3.90 -7.64
CA VAL C 169 16.80 -3.68 -8.94
C VAL C 169 16.02 -4.94 -9.28
N ILE C 170 14.69 -4.82 -9.36
CA ILE C 170 13.80 -5.95 -9.54
C ILE C 170 13.44 -6.06 -11.01
N LEU C 171 13.62 -7.25 -11.58
CA LEU C 171 13.42 -7.49 -13.00
C LEU C 171 12.11 -8.26 -13.20
N GLN C 172 11.20 -7.68 -13.98
CA GLN C 172 9.97 -8.32 -14.41
C GLN C 172 9.81 -8.13 -15.90
N HIS C 173 8.78 -8.74 -16.48
CA HIS C 173 8.58 -8.71 -17.93
C HIS C 173 7.17 -8.30 -18.27
N SER C 174 7.03 -7.62 -19.40
CA SER C 174 5.76 -7.33 -20.06
C SER C 174 5.82 -7.82 -21.51
N THR C 175 6.19 -9.08 -21.68
CA THR C 175 6.47 -9.63 -23.00
C THR C 175 5.16 -9.93 -23.74
N PRO C 176 5.04 -9.58 -25.01
CA PRO C 176 3.84 -9.94 -25.77
C PRO C 176 3.66 -11.44 -25.84
N GLY C 177 2.43 -11.89 -25.56
CA GLY C 177 2.12 -13.31 -25.60
C GLY C 177 2.81 -14.15 -24.55
N GLY C 178 3.13 -13.56 -23.39
CA GLY C 178 3.77 -14.27 -22.31
C GLY C 178 2.80 -14.67 -21.22
N HIS C 179 3.22 -15.61 -20.39
CA HIS C 179 2.44 -16.05 -19.24
C HIS C 179 2.85 -15.20 -18.04
N LEU C 180 2.33 -13.97 -18.01
CA LEU C 180 2.77 -12.97 -17.06
C LEU C 180 1.62 -12.39 -16.25
N GLN C 181 0.55 -13.17 -16.04
CA GLN C 181 -0.56 -12.68 -15.24
C GLN C 181 -0.19 -12.67 -13.76
N GLY C 182 0.60 -13.64 -13.32
CA GLY C 182 1.04 -13.67 -11.93
C GLY C 182 2.02 -12.57 -11.58
N SER C 183 2.77 -12.08 -12.58
CA SER C 183 3.71 -11.00 -12.33
C SER C 183 2.97 -9.68 -12.08
N VAL C 184 1.84 -9.48 -12.74
CA VAL C 184 1.06 -8.26 -12.53
C VAL C 184 0.36 -8.32 -11.18
N ASP C 185 -0.24 -9.47 -10.85
CA ASP C 185 -0.93 -9.60 -9.58
C ASP C 185 0.03 -9.47 -8.40
N ALA C 186 1.31 -9.80 -8.59
CA ALA C 186 2.28 -9.71 -7.52
C ALA C 186 2.53 -8.27 -7.09
N LEU C 187 2.24 -7.29 -7.95
CA LEU C 187 2.48 -5.89 -7.60
C LEU C 187 1.62 -5.45 -6.42
N ASP C 188 0.43 -6.02 -6.26
CA ASP C 188 -0.44 -5.67 -5.15
C ASP C 188 0.07 -6.19 -3.81
N LYS C 189 1.08 -7.05 -3.81
CA LYS C 189 1.72 -7.49 -2.58
C LYS C 189 3.17 -7.08 -2.46
N ILE C 190 3.90 -6.98 -3.58
CA ILE C 190 5.31 -6.58 -3.51
C ILE C 190 5.43 -5.15 -3.01
N ILE C 191 4.60 -4.25 -3.55
CA ILE C 191 4.71 -2.82 -3.28
C ILE C 191 4.34 -2.50 -1.84
N PRO C 192 3.20 -2.95 -1.30
CA PRO C 192 2.91 -2.62 0.11
C PRO C 192 3.85 -3.31 1.09
N GLN C 193 4.24 -4.56 0.82
CA GLN C 193 5.15 -5.25 1.72
C GLN C 193 6.54 -4.62 1.74
N LEU C 194 6.91 -3.89 0.70
CA LEU C 194 8.14 -3.11 0.72
C LEU C 194 7.92 -1.72 1.29
N LYS C 195 6.76 -1.12 1.05
CA LYS C 195 6.46 0.19 1.63
C LYS C 195 6.33 0.11 3.14
N THR C 196 5.74 -0.99 3.65
CA THR C 196 5.56 -1.12 5.09
C THR C 196 6.87 -1.22 5.84
N LYS C 197 7.97 -1.51 5.13
CA LYS C 197 9.31 -1.52 5.70
C LYS C 197 10.09 -0.25 5.35
N GLY C 198 9.41 0.77 4.83
CA GLY C 198 10.06 2.04 4.58
C GLY C 198 10.83 2.12 3.28
N ALA C 199 10.55 1.25 2.32
CA ALA C 199 11.21 1.29 1.02
C ALA C 199 10.40 2.14 0.05
N ARG C 200 11.06 3.10 -0.58
CA ARG C 200 10.44 3.93 -1.60
C ARG C 200 10.88 3.45 -2.98
N PHE C 201 9.95 3.45 -3.93
CA PHE C 201 10.24 3.02 -5.28
C PHE C 201 10.69 4.21 -6.12
N VAL C 202 11.85 4.07 -6.77
CA VAL C 202 12.42 5.13 -7.58
C VAL C 202 12.71 4.59 -8.98
N THR C 203 13.03 5.51 -9.89
CA THR C 203 13.44 5.15 -11.22
C THR C 203 14.95 4.98 -11.28
N LEU C 204 15.43 4.35 -12.35
CA LEU C 204 16.86 4.16 -12.52
C LEU C 204 17.63 5.48 -12.62
N PRO C 205 17.15 6.53 -13.30
CA PRO C 205 17.87 7.81 -13.24
C PRO C 205 17.98 8.37 -11.83
N SER C 206 16.93 8.23 -11.02
CA SER C 206 16.99 8.70 -9.65
C SER C 206 17.90 7.82 -8.80
N MET C 207 17.93 6.52 -9.08
CA MET C 207 18.73 5.60 -8.28
C MET C 207 20.22 5.81 -8.52
N PHE C 208 20.61 6.04 -9.77
CA PHE C 208 22.02 6.17 -10.14
C PHE C 208 22.45 7.62 -10.34
N GLN C 209 21.59 8.59 -10.01
CA GLN C 209 21.96 10.00 -9.99
C GLN C 209 22.46 10.47 -11.35
N THR C 210 21.69 10.17 -12.40
CA THR C 210 21.99 10.62 -13.74
C THR C 210 20.70 11.09 -14.41
N SER C 211 20.81 11.52 -15.66
CA SER C 211 19.64 11.89 -16.43
C SER C 211 18.99 10.65 -17.05
N LYS C 212 17.71 10.79 -17.40
CA LYS C 212 17.03 9.71 -18.11
C LYS C 212 17.44 9.64 -19.57
N GLU C 213 18.01 10.71 -20.12
CA GLU C 213 18.42 10.77 -21.50
C GLU C 213 19.92 11.05 -21.59
N ARG C 214 20.47 10.84 -22.78
CA ARG C 214 21.87 11.14 -23.04
C ARG C 214 21.98 12.34 -23.96
N TRP D 1 10.73 -7.58 7.82
CA TRP D 1 11.34 -7.39 9.13
C TRP D 1 11.79 -5.94 9.34
N THR D 2 13.10 -5.75 9.27
CA THR D 2 13.75 -4.46 9.53
C THR D 2 13.39 -3.40 8.48
N PRO D 3 13.14 -2.18 8.93
CA PRO D 3 12.93 -1.06 8.00
C PRO D 3 14.14 -0.80 7.12
N PHE D 4 13.85 -0.44 5.86
CA PHE D 4 14.88 0.07 4.95
C PHE D 4 15.32 1.48 5.32
N SER D 5 14.44 2.26 5.97
CA SER D 5 14.77 3.63 6.34
C SER D 5 15.87 3.72 7.38
N TRP D 6 16.21 2.62 8.05
CA TRP D 6 17.30 2.65 9.03
C TRP D 6 18.66 2.83 8.39
N VAL D 7 18.81 2.51 7.10
CA VAL D 7 20.10 2.71 6.44
C VAL D 7 20.36 4.18 6.17
N GLU D 8 19.32 5.02 6.16
CA GLU D 8 19.48 6.46 6.02
C GLU D 8 19.64 7.16 7.36
N LYS D 9 18.93 6.70 8.40
CA LYS D 9 18.95 7.38 9.68
C LYS D 9 20.18 7.04 10.50
N TYR D 10 20.56 5.75 10.54
CA TYR D 10 21.57 5.27 11.45
C TYR D 10 22.72 4.61 10.68
N ALA D 11 23.79 4.30 11.42
CA ALA D 11 24.92 3.54 10.89
C ALA D 11 24.48 2.08 10.77
N TYR D 12 23.82 1.77 9.66
CA TYR D 12 23.15 0.50 9.47
C TYR D 12 23.18 0.15 7.99
N ALA D 13 23.63 -1.06 7.67
CA ALA D 13 23.81 -1.44 6.27
C ALA D 13 23.58 -2.93 6.09
N PHE D 14 23.08 -3.30 4.91
CA PHE D 14 22.93 -4.69 4.52
C PHE D 14 23.99 -5.17 3.54
N SER D 15 24.60 -4.26 2.77
CA SER D 15 25.57 -4.63 1.76
C SER D 15 26.43 -3.42 1.43
N GLY D 16 27.39 -3.61 0.54
CA GLY D 16 28.38 -2.60 0.25
C GLY D 16 28.13 -1.85 -1.05
N PRO D 17 29.11 -1.05 -1.46
CA PRO D 17 28.94 -0.22 -2.66
C PRO D 17 28.81 -1.05 -3.93
N TYR D 18 27.89 -0.61 -4.81
CA TYR D 18 27.61 -1.32 -6.03
C TYR D 18 28.66 -1.11 -7.12
N ASN D 19 29.45 -0.04 -7.01
CA ASN D 19 30.45 0.29 -8.00
C ASN D 19 31.85 -0.16 -7.62
N LYS D 20 31.96 -1.15 -6.72
CA LYS D 20 33.22 -1.75 -6.35
C LYS D 20 33.12 -3.25 -6.57
N ALA D 21 34.14 -3.83 -7.20
CA ALA D 21 34.18 -5.28 -7.46
C ALA D 21 34.66 -6.03 -6.22
N GLU D 22 33.94 -5.83 -5.11
CA GLU D 22 34.36 -6.32 -3.81
C GLU D 22 33.19 -6.99 -3.11
N VAL D 23 33.47 -8.15 -2.51
CA VAL D 23 32.53 -8.85 -1.64
C VAL D 23 33.21 -9.03 -0.29
N ALA D 24 32.42 -9.48 0.69
CA ALA D 24 32.91 -9.61 2.06
C ALA D 24 32.40 -10.92 2.66
N LEU D 25 33.33 -11.76 3.10
CA LEU D 25 32.99 -12.98 3.84
C LEU D 25 32.98 -12.68 5.32
N THR D 26 31.92 -13.08 6.01
CA THR D 26 31.77 -12.87 7.45
C THR D 26 31.45 -14.18 8.13
N PHE D 27 31.82 -14.27 9.41
CA PHE D 27 31.64 -15.49 10.19
C PHE D 27 31.18 -15.12 11.59
N ASP D 28 30.16 -15.81 12.09
CA ASP D 28 29.56 -15.49 13.39
C ASP D 28 29.73 -16.64 14.37
N ASP D 29 29.50 -16.31 15.64
CA ASP D 29 29.42 -17.22 16.79
C ASP D 29 30.76 -17.80 17.20
N GLY D 30 31.86 -17.46 16.52
CA GLY D 30 33.17 -17.90 16.93
C GLY D 30 33.62 -17.22 18.22
N PRO D 31 34.79 -17.61 18.72
CA PRO D 31 35.63 -18.67 18.13
C PRO D 31 35.20 -20.08 18.53
N ASP D 32 35.86 -21.06 17.93
CA ASP D 32 35.61 -22.47 18.16
C ASP D 32 36.95 -23.16 18.36
N LEU D 33 36.92 -24.48 18.53
CA LEU D 33 38.12 -25.30 18.48
C LEU D 33 38.24 -26.08 17.17
N GLU D 34 37.11 -26.38 16.54
CA GLU D 34 37.07 -27.17 15.31
C GLU D 34 37.02 -26.31 14.06
N PHE D 35 35.99 -25.48 13.93
CA PHE D 35 35.74 -24.84 12.64
C PHE D 35 36.52 -23.54 12.49
N THR D 36 36.59 -22.73 13.54
CA THR D 36 37.29 -21.44 13.45
C THR D 36 38.74 -21.59 13.02
N PRO D 37 39.54 -22.50 13.57
CA PRO D 37 40.91 -22.65 13.05
C PRO D 37 40.94 -23.16 11.62
N LYS D 38 40.09 -24.13 11.28
CA LYS D 38 40.07 -24.66 9.92
C LYS D 38 39.63 -23.59 8.93
N ILE D 39 38.69 -22.72 9.32
CA ILE D 39 38.34 -21.57 8.49
C ILE D 39 39.54 -20.64 8.36
N LEU D 40 40.31 -20.49 9.44
CA LEU D 40 41.47 -19.59 9.40
C LEU D 40 42.54 -20.08 8.45
N ASP D 41 42.66 -21.40 8.28
CA ASP D 41 43.66 -21.92 7.35
C ASP D 41 43.24 -21.69 5.90
N LYS D 42 41.96 -21.95 5.60
CA LYS D 42 41.49 -21.79 4.22
C LYS D 42 41.53 -20.33 3.78
N LEU D 43 41.31 -19.39 4.69
CA LEU D 43 41.39 -17.97 4.32
C LEU D 43 42.82 -17.58 4.01
N LYS D 44 43.79 -18.16 4.73
CA LYS D 44 45.19 -17.85 4.46
C LYS D 44 45.69 -18.57 3.20
N GLN D 45 45.13 -19.74 2.90
CA GLN D 45 45.52 -20.45 1.68
C GLN D 45 45.16 -19.64 0.44
N HIS D 46 43.97 -19.05 0.41
CA HIS D 46 43.52 -18.25 -0.71
C HIS D 46 43.90 -16.78 -0.60
N ASN D 47 44.73 -16.44 0.40
CA ASN D 47 45.16 -15.05 0.61
C ASN D 47 43.97 -14.11 0.77
N VAL D 48 42.99 -14.55 1.56
CA VAL D 48 41.71 -13.86 1.73
C VAL D 48 41.60 -13.38 3.17
N LYS D 49 41.30 -12.10 3.34
CA LYS D 49 40.97 -11.53 4.64
C LYS D 49 39.45 -11.47 4.79
N ALA D 50 38.97 -11.65 6.03
CA ALA D 50 37.55 -11.72 6.30
C ALA D 50 37.26 -10.95 7.59
N THR D 51 36.02 -11.09 8.07
CA THR D 51 35.55 -10.43 9.29
C THR D 51 34.87 -11.46 10.17
N PHE D 52 35.27 -11.52 11.43
CA PHE D 52 34.74 -12.47 12.40
C PHE D 52 33.95 -11.74 13.47
N PHE D 53 32.66 -12.05 13.58
CA PHE D 53 31.80 -11.53 14.64
C PHE D 53 31.82 -12.53 15.79
N LEU D 54 32.61 -12.23 16.82
CA LEU D 54 32.89 -13.20 17.88
C LEU D 54 31.96 -12.99 19.06
N LEU D 55 31.52 -14.09 19.66
CA LEU D 55 30.76 -14.03 20.90
C LEU D 55 31.69 -13.72 22.06
N GLY D 56 31.19 -12.94 23.02
CA GLY D 56 32.00 -12.58 24.17
C GLY D 56 32.34 -13.77 25.06
N GLU D 57 31.41 -14.70 25.20
CA GLU D 57 31.64 -15.85 26.07
C GLU D 57 32.55 -16.88 25.41
N ASN D 58 32.54 -16.98 24.09
CA ASN D 58 33.44 -17.88 23.39
C ASN D 58 34.85 -17.31 23.27
N ALA D 59 35.01 -15.99 23.41
CA ALA D 59 36.35 -15.40 23.46
C ALA D 59 37.04 -15.69 24.79
N GLU D 60 36.29 -15.73 25.88
CA GLU D 60 36.88 -16.08 27.17
C GLU D 60 37.35 -17.53 27.19
N LYS D 61 36.58 -18.44 26.60
CA LYS D 61 36.92 -19.85 26.61
C LYS D 61 38.19 -20.12 25.81
N PHE D 62 38.27 -19.57 24.60
CA PHE D 62 39.36 -19.87 23.66
C PHE D 62 39.97 -18.57 23.15
N PRO D 63 40.67 -17.82 24.00
CA PRO D 63 41.37 -16.61 23.54
C PRO D 63 42.64 -16.90 22.77
N ASN D 64 43.14 -18.14 22.79
CA ASN D 64 44.25 -18.52 21.92
C ASN D 64 43.85 -18.38 20.46
N ILE D 65 42.58 -18.69 20.15
CA ILE D 65 42.09 -18.59 18.78
C ILE D 65 41.79 -17.14 18.41
N VAL D 66 41.43 -16.31 19.40
CA VAL D 66 41.15 -14.90 19.12
C VAL D 66 42.41 -14.19 18.65
N LYS D 67 43.55 -14.49 19.29
CA LYS D 67 44.80 -13.84 18.91
C LYS D 67 45.27 -14.27 17.52
N ARG D 68 45.00 -15.51 17.13
CA ARG D 68 45.35 -15.94 15.78
C ARG D 68 44.51 -15.22 14.73
N ILE D 69 43.27 -14.86 15.07
CA ILE D 69 42.41 -14.15 14.13
C ILE D 69 42.99 -12.77 13.81
N ALA D 70 43.30 -12.00 14.86
CA ALA D 70 43.81 -10.65 14.65
C ALA D 70 45.23 -10.62 14.12
N ASN D 71 46.00 -11.69 14.35
CA ASN D 71 47.38 -11.72 13.87
C ASN D 71 47.46 -12.07 12.40
N GLU D 72 46.62 -13.00 11.94
CA GLU D 72 46.62 -13.38 10.53
C GLU D 72 45.99 -12.31 9.62
N GLY D 73 45.62 -11.14 10.15
CA GLY D 73 45.21 -10.03 9.34
C GLY D 73 43.71 -9.79 9.25
N HIS D 74 42.89 -10.66 9.83
CA HIS D 74 41.46 -10.50 9.72
C HIS D 74 40.97 -9.38 10.64
N VAL D 75 39.66 -9.13 10.61
CA VAL D 75 39.03 -8.08 11.40
C VAL D 75 38.00 -8.72 12.31
N ILE D 76 37.91 -8.22 13.54
CA ILE D 76 37.03 -8.75 14.58
C ILE D 76 35.87 -7.78 14.78
N GLY D 77 34.67 -8.33 14.96
CA GLY D 77 33.51 -7.53 15.28
C GLY D 77 32.78 -8.10 16.47
N ASN D 78 32.00 -7.23 17.12
CA ASN D 78 31.25 -7.60 18.30
C ASN D 78 29.96 -8.31 17.91
N HIS D 79 29.70 -9.45 18.56
CA HIS D 79 28.50 -10.26 18.30
C HIS D 79 27.72 -10.49 19.58
N THR D 80 27.83 -9.56 20.54
CA THR D 80 27.31 -9.67 21.91
C THR D 80 27.98 -10.81 22.66
N TYR D 81 27.59 -10.98 23.93
CA TYR D 81 28.28 -11.92 24.82
C TYR D 81 27.64 -13.31 24.79
N SER D 82 26.39 -13.42 25.25
CA SER D 82 25.73 -14.71 25.39
C SER D 82 24.74 -15.00 24.26
N HIS D 83 24.86 -14.29 23.15
CA HIS D 83 24.01 -14.50 21.97
C HIS D 83 22.51 -14.45 22.30
N PRO D 84 22.02 -13.34 22.89
CA PRO D 84 20.59 -13.27 23.20
C PRO D 84 19.81 -12.53 22.13
N ASN D 85 18.50 -12.78 22.05
CA ASN D 85 17.64 -11.99 21.19
C ASN D 85 17.51 -10.59 21.79
N LEU D 86 18.15 -9.61 21.15
CA LEU D 86 18.15 -8.25 21.68
C LEU D 86 16.75 -7.62 21.66
N ALA D 87 15.82 -8.18 20.89
CA ALA D 87 14.48 -7.62 20.83
C ALA D 87 13.69 -7.89 22.11
N LYS D 88 14.12 -8.84 22.94
CA LYS D 88 13.42 -9.18 24.16
C LYS D 88 14.27 -8.96 25.41
N VAL D 89 15.33 -8.16 25.31
CA VAL D 89 16.13 -7.78 26.47
C VAL D 89 15.89 -6.30 26.74
N ASN D 90 16.12 -5.91 28.00
CA ASN D 90 15.91 -4.51 28.36
C ASN D 90 17.13 -3.68 27.98
N GLU D 91 17.00 -2.35 28.14
CA GLU D 91 18.02 -1.45 27.64
C GLU D 91 19.33 -1.55 28.41
N ASP D 92 19.28 -1.97 29.69
CA ASP D 92 20.51 -2.13 30.45
C ASP D 92 21.26 -3.38 30.01
N GLU D 93 20.54 -4.47 29.75
CA GLU D 93 21.18 -5.71 29.34
C GLU D 93 21.74 -5.61 27.92
N TYR D 94 21.02 -4.91 27.04
CA TYR D 94 21.54 -4.68 25.69
C TYR D 94 22.88 -3.95 25.74
N ARG D 95 22.92 -2.80 26.41
CA ARG D 95 24.16 -2.04 26.52
C ARG D 95 25.23 -2.78 27.32
N ASN D 96 24.83 -3.72 28.18
CA ASN D 96 25.82 -4.49 28.92
C ASN D 96 26.38 -5.62 28.07
N GLN D 97 25.56 -6.23 27.22
CA GLN D 97 26.04 -7.26 26.31
C GLN D 97 27.09 -6.71 25.35
N ILE D 98 26.95 -5.45 24.93
CA ILE D 98 27.88 -4.86 23.98
C ILE D 98 29.18 -4.47 24.67
N ILE D 99 29.08 -3.73 25.78
CA ILE D 99 30.27 -3.21 26.44
C ILE D 99 31.08 -4.34 27.07
N LYS D 100 30.40 -5.34 27.63
CA LYS D 100 31.11 -6.48 28.20
C LYS D 100 31.93 -7.21 27.13
N THR D 101 31.33 -7.44 25.97
CA THR D 101 32.08 -8.06 24.87
C THR D 101 33.11 -7.10 24.30
N GLU D 102 32.82 -5.80 24.28
CA GLU D 102 33.79 -4.83 23.80
C GLU D 102 35.04 -4.83 24.68
N GLU D 103 34.87 -5.05 25.98
CA GLU D 103 36.00 -5.07 26.89
C GLU D 103 36.84 -6.33 26.72
N ILE D 104 36.17 -7.48 26.55
CA ILE D 104 36.90 -8.74 26.36
C ILE D 104 37.68 -8.72 25.06
N LEU D 105 37.08 -8.17 24.00
CA LEU D 105 37.71 -8.19 22.68
C LEU D 105 38.92 -7.26 22.62
N ASN D 106 38.77 -6.03 23.10
CA ASN D 106 39.89 -5.10 23.16
C ASN D 106 41.09 -5.73 23.86
N ARG D 107 40.85 -6.36 25.01
CA ARG D 107 41.92 -7.01 25.75
C ARG D 107 42.63 -8.06 24.91
N LEU D 108 41.86 -9.01 24.37
CA LEU D 108 42.42 -10.13 23.61
C LEU D 108 42.79 -9.78 22.18
N ALA D 109 42.61 -8.53 21.75
CA ALA D 109 42.93 -8.17 20.37
C ALA D 109 43.63 -6.83 20.22
N GLY D 110 43.37 -5.83 21.08
CA GLY D 110 44.08 -4.57 21.04
C GLY D 110 43.23 -3.37 20.64
N TYR D 111 41.96 -3.56 20.32
CA TYR D 111 41.12 -2.45 19.90
C TYR D 111 39.66 -2.78 20.19
N ALA D 112 38.86 -1.73 20.35
CA ALA D 112 37.42 -1.87 20.55
C ALA D 112 36.75 -1.98 19.19
N PRO D 113 36.14 -3.11 18.85
CA PRO D 113 35.60 -3.28 17.49
C PRO D 113 34.53 -2.24 17.18
N LYS D 114 34.60 -1.71 15.96
CA LYS D 114 33.61 -0.74 15.51
C LYS D 114 32.32 -1.41 15.05
N PHE D 115 32.41 -2.64 14.54
CA PHE D 115 31.29 -3.31 13.91
C PHE D 115 30.54 -4.20 14.89
N ILE D 116 29.22 -4.19 14.78
CA ILE D 116 28.34 -5.03 15.59
C ILE D 116 27.39 -5.77 14.64
N ARG D 117 27.16 -7.05 14.92
CA ARG D 117 26.11 -7.80 14.24
C ARG D 117 25.22 -8.43 15.31
N PRO D 118 23.95 -8.03 15.41
CA PRO D 118 23.03 -8.58 16.41
C PRO D 118 22.61 -10.01 16.07
N PXU D 119 22.47 -10.85 17.08
CA PXU D 119 22.00 -12.24 16.87
OA PXU D 119 22.97 -12.97 16.12
CB PXU D 119 21.91 -12.95 18.25
CG PXU D 119 22.78 -12.10 19.17
CD PXU D 119 23.12 -10.83 18.38
C PXU D 119 20.62 -12.26 16.11
O PXU D 119 19.79 -11.35 16.36
N TYR D 120 20.43 -13.23 15.23
CA TYR D 120 19.19 -13.37 14.45
C TYR D 120 18.88 -12.11 13.63
N GLY D 121 19.89 -11.27 13.44
CA GLY D 121 19.75 -10.02 12.72
C GLY D 121 18.64 -9.13 13.26
N GLU D 122 18.38 -9.24 14.56
CA GLU D 122 17.22 -8.62 15.19
C GLU D 122 17.69 -7.53 16.16
N ILE D 123 17.24 -6.31 15.92
CA ILE D 123 17.63 -5.17 16.76
C ILE D 123 16.48 -4.17 16.78
N LEU D 124 16.32 -3.49 17.91
CA LEU D 124 15.30 -2.47 18.05
C LEU D 124 15.87 -1.10 17.71
N GLU D 125 14.97 -0.17 17.40
CA GLU D 125 15.40 1.15 16.92
C GLU D 125 16.22 1.88 17.96
N ASN D 126 15.73 1.93 19.20
CA ASN D 126 16.47 2.62 20.26
C ASN D 126 17.80 1.94 20.54
N GLN D 127 17.87 0.62 20.36
CA GLN D 127 19.15 -0.08 20.47
C GLN D 127 20.08 0.33 19.33
N LEU D 128 19.54 0.48 18.12
CA LEU D 128 20.35 0.92 17.00
C LEU D 128 20.72 2.39 17.11
N LYS D 129 19.81 3.20 17.63
CA LYS D 129 20.10 4.62 17.80
C LYS D 129 21.23 4.84 18.80
N TRP D 130 21.27 4.03 19.87
CA TRP D 130 22.34 4.15 20.85
C TRP D 130 23.69 3.81 20.23
N ALA D 131 23.77 2.70 19.51
CA ALA D 131 25.04 2.29 18.92
C ALA D 131 25.53 3.28 17.88
N THR D 132 24.62 3.91 17.13
CA THR D 132 25.03 4.94 16.19
C THR D 132 25.65 6.13 16.91
N GLU D 133 25.00 6.58 17.99
CA GLU D 133 25.54 7.69 18.77
C GLU D 133 26.85 7.35 19.44
N GLN D 134 27.14 6.07 19.65
CA GLN D 134 28.38 5.62 20.27
C GLN D 134 29.44 5.25 19.24
N ASN D 135 29.29 5.70 17.99
CA ASN D 135 30.28 5.50 16.93
C ASN D 135 30.46 4.02 16.59
N PHE D 136 29.37 3.26 16.65
CA PHE D 136 29.35 1.89 16.18
C PHE D 136 28.82 1.83 14.75
N MET D 137 28.91 0.64 14.16
CA MET D 137 28.39 0.37 12.83
C MET D 137 27.81 -1.03 12.84
N ILE D 138 26.52 -1.15 12.59
CA ILE D 138 25.84 -2.45 12.54
C ILE D 138 25.73 -2.88 11.09
N VAL D 139 26.25 -4.06 10.79
CA VAL D 139 26.21 -4.63 9.45
C VAL D 139 25.49 -5.97 9.53
N GLN D 140 24.38 -6.09 8.81
CA GLN D 140 23.70 -7.36 8.69
C GLN D 140 24.35 -8.20 7.60
N TRP D 141 23.58 -8.61 6.60
CA TRP D 141 24.11 -9.36 5.47
C TRP D 141 23.10 -9.30 4.33
N SER D 142 23.54 -9.77 3.17
CA SER D 142 22.68 -9.85 1.99
C SER D 142 22.72 -11.20 1.30
N VAL D 143 23.69 -12.06 1.59
CA VAL D 143 23.78 -13.41 1.05
C VAL D 143 23.83 -14.37 2.23
N ASP D 144 22.81 -15.21 2.36
CA ASP D 144 22.69 -16.15 3.45
C ASP D 144 22.93 -17.56 2.93
N THR D 145 23.77 -18.32 3.62
CA THR D 145 24.18 -19.64 3.17
C THR D 145 23.42 -20.77 3.85
N VAL D 146 22.55 -20.45 4.82
CA VAL D 146 21.94 -21.40 5.75
C VAL D 146 22.86 -22.58 6.02
N ASP D 147 24.11 -22.30 6.39
CA ASP D 147 25.08 -23.36 6.68
C ASP D 147 24.85 -24.01 8.03
N TRP D 148 24.15 -23.33 8.95
CA TRP D 148 23.80 -23.92 10.23
C TRP D 148 22.80 -25.06 10.10
N LYS D 149 22.23 -25.26 8.92
CA LYS D 149 21.36 -26.40 8.63
C LYS D 149 22.11 -27.64 8.19
N GLY D 150 23.43 -27.61 8.16
CA GLY D 150 24.18 -28.79 7.77
C GLY D 150 24.18 -29.08 6.29
N VAL D 151 23.82 -28.10 5.47
CA VAL D 151 23.84 -28.31 4.03
C VAL D 151 25.27 -28.54 3.55
N SER D 152 25.40 -29.15 2.38
CA SER D 152 26.70 -29.52 1.86
C SER D 152 27.39 -28.32 1.21
N ALA D 153 28.66 -28.52 0.85
CA ALA D 153 29.43 -27.43 0.24
C ALA D 153 28.91 -27.10 -1.15
N ASP D 154 28.49 -28.11 -1.92
CA ASP D 154 27.96 -27.84 -3.25
C ASP D 154 26.66 -27.07 -3.19
N THR D 155 25.84 -27.31 -2.17
CA THR D 155 24.60 -26.56 -2.01
C THR D 155 24.88 -25.13 -1.56
N ILE D 156 25.87 -24.94 -0.69
CA ILE D 156 26.24 -23.60 -0.24
C ILE D 156 26.88 -22.82 -1.38
N THR D 157 27.68 -23.49 -2.21
CA THR D 157 28.37 -22.81 -3.30
C THR D 157 27.39 -22.25 -4.32
N ASN D 158 26.45 -23.09 -4.78
CA ASN D 158 25.43 -22.62 -5.71
C ASN D 158 24.58 -21.52 -5.08
N ASN D 159 24.33 -21.61 -3.77
CA ASN D 159 23.58 -20.58 -3.08
C ASN D 159 24.31 -19.24 -3.11
N VAL D 160 25.62 -19.26 -2.85
CA VAL D 160 26.39 -18.02 -2.80
C VAL D 160 26.60 -17.45 -4.20
N LEU D 161 27.06 -18.29 -5.13
CA LEU D 161 27.36 -17.82 -6.47
C LEU D 161 26.12 -17.34 -7.20
N GLY D 162 24.95 -17.83 -6.82
CA GLY D 162 23.72 -17.43 -7.48
C GLY D 162 23.07 -16.18 -6.95
N ASN D 163 23.55 -15.66 -5.82
CA ASN D 163 22.97 -14.47 -5.22
C ASN D 163 24.01 -13.40 -4.88
N SER D 164 25.26 -13.56 -5.30
CA SER D 164 26.31 -12.61 -4.95
C SER D 164 26.47 -11.58 -6.05
N PHE D 165 26.66 -10.32 -5.64
CA PHE D 165 26.82 -9.19 -6.54
C PHE D 165 27.91 -8.28 -5.97
N PRO D 166 28.42 -7.30 -6.74
CA PRO D 166 29.33 -6.31 -6.16
C PRO D 166 28.74 -5.63 -4.94
N GLY D 167 29.37 -5.83 -3.78
CA GLY D 167 28.87 -5.28 -2.54
C GLY D 167 28.20 -6.28 -1.62
N SER D 168 28.09 -7.54 -2.02
CA SER D 168 27.40 -8.53 -1.20
C SER D 168 28.19 -8.81 0.09
N VAL D 169 27.44 -9.01 1.17
CA VAL D 169 28.00 -9.42 2.45
C VAL D 169 27.49 -10.84 2.72
N ILE D 170 28.40 -11.80 2.73
CA ILE D 170 28.08 -13.21 2.88
C ILE D 170 28.19 -13.60 4.34
N LEU D 171 27.21 -14.36 4.83
CA LEU D 171 27.14 -14.78 6.22
C LEU D 171 27.38 -16.27 6.33
N GLN D 172 28.34 -16.65 7.18
CA GLN D 172 28.59 -18.04 7.51
C GLN D 172 28.80 -18.16 9.01
N HIS D 173 28.83 -19.39 9.51
CA HIS D 173 28.91 -19.64 10.94
C HIS D 173 30.11 -20.49 11.29
N SER D 174 30.76 -20.14 12.40
CA SER D 174 31.77 -20.99 13.02
C SER D 174 31.35 -21.25 14.47
N THR D 175 30.15 -21.77 14.65
CA THR D 175 29.57 -21.96 15.97
C THR D 175 30.20 -23.17 16.66
N PRO D 176 30.56 -23.07 17.94
CA PRO D 176 31.09 -24.24 18.65
C PRO D 176 30.06 -25.37 18.69
N GLY D 177 30.44 -26.51 18.10
CA GLY D 177 29.57 -27.66 18.06
C GLY D 177 28.57 -27.68 16.91
N GLY D 178 28.68 -26.74 15.97
CA GLY D 178 27.76 -26.71 14.86
C GLY D 178 28.02 -27.83 13.86
N HIS D 179 27.03 -28.04 12.99
CA HIS D 179 27.16 -28.99 11.89
C HIS D 179 27.58 -28.22 10.63
N LEU D 180 28.78 -27.68 10.69
CA LEU D 180 29.28 -26.69 9.74
C LEU D 180 30.47 -27.21 8.94
N GLN D 181 30.48 -28.49 8.59
CA GLN D 181 31.57 -29.04 7.79
C GLN D 181 31.47 -28.62 6.32
N GLY D 182 30.28 -28.71 5.73
CA GLY D 182 30.11 -28.25 4.37
C GLY D 182 30.41 -26.77 4.19
N SER D 183 30.17 -25.97 5.23
CA SER D 183 30.43 -24.53 5.13
C SER D 183 31.92 -24.24 4.96
N VAL D 184 32.77 -24.94 5.73
CA VAL D 184 34.20 -24.72 5.63
C VAL D 184 34.73 -25.22 4.29
N ASP D 185 34.26 -26.39 3.85
CA ASP D 185 34.68 -26.91 2.55
C ASP D 185 34.16 -26.06 1.39
N ALA D 186 33.07 -25.32 1.60
CA ALA D 186 32.56 -24.44 0.55
C ALA D 186 33.51 -23.30 0.23
N LEU D 187 34.37 -22.93 1.18
CA LEU D 187 35.35 -21.86 0.93
C LEU D 187 36.27 -22.21 -0.22
N ASP D 188 36.57 -23.51 -0.42
CA ASP D 188 37.43 -23.92 -1.51
C ASP D 188 36.78 -23.75 -2.87
N LYS D 189 35.45 -23.61 -2.92
CA LYS D 189 34.73 -23.40 -4.16
C LYS D 189 34.17 -21.99 -4.31
N ILE D 190 33.83 -21.33 -3.20
CA ILE D 190 33.25 -19.99 -3.27
C ILE D 190 34.30 -18.97 -3.69
N ILE D 191 35.49 -19.04 -3.11
CA ILE D 191 36.54 -18.05 -3.33
C ILE D 191 37.02 -18.06 -4.79
N PRO D 192 37.39 -19.21 -5.38
CA PRO D 192 37.86 -19.16 -6.77
C PRO D 192 36.76 -18.86 -7.77
N GLN D 193 35.51 -19.27 -7.50
CA GLN D 193 34.42 -18.97 -8.43
C GLN D 193 34.01 -17.51 -8.40
N LEU D 194 34.34 -16.79 -7.32
CA LEU D 194 34.17 -15.35 -7.26
C LEU D 194 35.38 -14.61 -7.82
N LYS D 195 36.59 -15.07 -7.47
CA LYS D 195 37.81 -14.48 -8.00
C LYS D 195 37.84 -14.52 -9.52
N THR D 196 37.36 -15.61 -10.11
CA THR D 196 37.40 -15.78 -11.56
C THR D 196 36.49 -14.80 -12.30
N LYS D 197 35.64 -14.06 -11.58
CA LYS D 197 34.78 -13.05 -12.17
C LYS D 197 35.22 -11.65 -11.80
N GLY D 198 36.43 -11.49 -11.27
CA GLY D 198 36.94 -10.18 -10.95
C GLY D 198 36.56 -9.66 -9.58
N ALA D 199 36.08 -10.54 -8.70
CA ALA D 199 35.65 -10.13 -7.36
C ALA D 199 36.83 -10.23 -6.40
N ARG D 200 37.03 -9.17 -5.63
CA ARG D 200 38.09 -9.11 -4.62
C ARG D 200 37.44 -9.19 -3.24
N PHE D 201 38.01 -10.02 -2.37
CA PHE D 201 37.48 -10.21 -1.03
C PHE D 201 38.08 -9.18 -0.08
N VAL D 202 37.23 -8.32 0.48
CA VAL D 202 37.66 -7.27 1.39
C VAL D 202 37.02 -7.51 2.75
N THR D 203 37.45 -6.72 3.73
CA THR D 203 36.85 -6.72 5.06
C THR D 203 35.83 -5.59 5.17
N LEU D 204 35.02 -5.67 6.22
CA LEU D 204 34.00 -4.64 6.42
C LEU D 204 34.58 -3.23 6.63
N PRO D 205 35.70 -3.03 7.33
CA PRO D 205 36.25 -1.67 7.41
C PRO D 205 36.57 -1.05 6.06
N SER D 206 37.16 -1.83 5.14
CA SER D 206 37.49 -1.29 3.83
C SER D 206 36.26 -1.18 2.93
N MET D 207 35.29 -2.09 3.08
CA MET D 207 34.08 -2.02 2.26
C MET D 207 33.28 -0.76 2.54
N PHE D 208 33.24 -0.33 3.80
CA PHE D 208 32.44 0.82 4.19
C PHE D 208 33.28 2.06 4.48
N GLN D 209 34.57 2.04 4.15
CA GLN D 209 35.44 3.22 4.25
C GLN D 209 35.46 3.77 5.68
N THR D 210 35.74 2.89 6.64
CA THR D 210 35.77 3.28 8.04
C THR D 210 36.86 2.48 8.75
N SER D 211 37.06 2.81 10.02
CA SER D 211 38.09 2.16 10.83
C SER D 211 37.55 0.87 11.45
N LYS D 212 38.45 -0.10 11.61
CA LYS D 212 38.09 -1.35 12.25
C LYS D 212 37.80 -1.19 13.73
N GLU D 213 38.29 -0.10 14.34
CA GLU D 213 38.14 0.13 15.76
C GLU D 213 37.28 1.37 16.00
N ARG D 214 36.89 1.54 17.26
CA ARG D 214 36.06 2.66 17.67
C ARG D 214 36.68 3.42 18.83
S SO4 E . -17.38 17.21 3.64
O1 SO4 E . -16.05 17.37 3.06
O2 SO4 E . -18.33 18.08 2.93
O3 SO4 E . -17.37 17.57 5.05
O4 SO4 E . -17.80 15.82 3.50
S SO4 F . -13.67 -18.58 15.17
O1 SO4 F . -14.75 -18.18 14.28
O2 SO4 F . -12.87 -19.63 14.54
O3 SO4 F . -12.83 -17.43 15.46
O4 SO4 F . -14.23 -19.10 16.42
S SO4 G . -1.43 14.83 16.37
O1 SO4 G . -2.15 15.96 15.77
O2 SO4 G . -1.97 13.58 15.87
O3 SO4 G . -0.01 14.94 16.02
O4 SO4 G . -1.56 14.89 17.82
C1 5YA H . -25.19 -5.07 14.65
C2 5YA H . -24.13 -4.80 15.52
C3 5YA H . -24.14 -3.68 16.34
C4 5YA H . -25.26 -2.77 16.30
C5 5YA H . -26.34 -3.05 15.40
C6 5YA H . -26.30 -4.21 14.58
C7 5YA H . -25.32 -1.61 17.11
C8 5YA H . -26.41 -0.75 17.04
O1 5YA H . -18.89 -1.54 19.45
C9 5YA H . -27.47 -1.03 16.16
C10 5YA H . -27.45 -2.16 15.36
C11 5YA H . -22.98 -3.42 17.25
C12 5YA H . -22.10 -2.42 16.92
C13 5YA H . -21.00 -2.15 17.72
N1 5YA H . -19.22 -3.35 20.70
C14 5YA H . -20.78 -2.89 18.86
C15 5YA H . -21.67 -3.90 19.21
C16 5YA H . -22.77 -4.17 18.40
C17 5YA H . -19.56 -2.55 19.71
O2 5YA H . -18.09 -3.04 21.47
O25 PE3 I . -25.52 2.09 12.60
C24 PE3 I . -24.50 3.02 12.75
C23 PE3 I . -24.75 3.81 14.04
O22 PE3 I . -25.52 3.02 14.89
C1 PEG J . -11.00 17.30 -2.90
O1 PEG J . -10.69 15.95 -2.68
C2 PEG J . -11.22 17.49 -4.40
O2 PEG J . -12.07 18.59 -4.58
C3 PEG J . -13.40 18.34 -4.21
C4 PEG J . -14.17 19.66 -4.22
O4 PEG J . -15.45 19.41 -3.74
C1 PEG K . -31.29 10.97 23.19
O1 PEG K . -31.57 11.93 24.17
C2 PEG K . -32.26 9.80 23.36
O2 PEG K . -32.05 8.89 22.33
C3 PEG K . -31.03 7.96 22.59
C4 PEG K . -31.44 6.61 22.01
O4 PEG K . -30.65 5.62 22.61
C1 PEG L . -32.29 2.94 18.12
C2 PEG L . -31.03 3.20 18.94
O2 PEG L . -30.03 3.68 18.08
C3 PEG L . -28.81 3.95 18.71
C4 PEG L . -28.03 2.64 18.82
O4 PEG L . -27.93 2.09 17.53
C5 PG0 M . -27.87 10.26 31.41
O2 PG0 M . -29.21 10.43 31.76
C4 PG0 M . -29.44 11.49 32.64
C3 PG0 M . -29.06 11.04 34.05
O1 PG0 M . -28.69 12.18 34.78
C2 PG0 M . -28.48 11.92 36.14
C1 PG0 M . -27.22 12.65 36.59
OTT PG0 M . -26.95 12.28 37.91
NA NA N . -20.24 4.72 3.93
NA NA O . -22.65 10.12 7.59
NA NA P . -19.57 10.16 4.19
NA NA Q . -19.24 8.79 -0.65
NA NA R . -0.50 -16.24 24.67
NA NA S . -16.73 17.74 34.28
NA NA T . -27.75 7.67 16.92
CL CL U . -7.06 19.60 16.62
S SO4 V . -46.53 -2.95 -9.71
O1 SO4 V . -46.40 -3.90 -10.80
O2 SO4 V . -46.23 -1.60 -10.21
O3 SO4 V . -45.59 -3.29 -8.65
O4 SO4 V . -47.89 -2.98 -9.19
C1 5YA W . -27.60 -2.52 -8.82
C2 5YA W . -28.24 -1.45 -9.45
C3 5YA W . -28.21 -1.32 -10.83
C4 5YA W . -27.53 -2.28 -11.63
C5 5YA W . -26.88 -3.38 -10.99
C6 5YA W . -26.93 -3.48 -9.56
C7 5YA W . -27.48 -2.17 -13.04
C8 5YA W . -26.80 -3.13 -13.79
O1 5YA W . -30.79 4.28 -12.89
C9 5YA W . -26.16 -4.20 -13.17
C10 5YA W . -26.19 -4.34 -11.78
C11 5YA W . -28.89 -0.16 -11.49
C12 5YA W . -28.21 1.03 -11.65
C13 5YA W . -28.83 2.11 -12.26
N1 5YA W . -31.43 2.94 -14.54
C14 5YA W . -30.13 1.98 -12.71
C15 5YA W . -30.81 0.78 -12.56
C16 5YA W . -30.19 -0.29 -11.95
C17 5YA W . -30.83 3.17 -13.39
O2 5YA W . -32.09 3.97 -15.22
ZN ZN X . -31.47 4.90 -15.66
S DMS Y . -18.27 1.60 -5.67
O DMS Y . -19.36 1.46 -4.64
C1 DMS Y . -17.28 3.09 -5.32
C2 DMS Y . -19.03 2.11 -7.24
S DMS Z . -28.81 6.05 11.64
O DMS Z . -28.38 4.79 10.97
C1 DMS Z . -27.78 7.42 11.06
C2 DMS Z . -28.34 6.00 13.39
C1 PEG AA . -11.50 14.03 -24.03
C2 PEG AA . -12.82 13.61 -23.39
O2 PEG AA . -13.46 12.68 -24.22
C3 PEG AA . -14.75 12.34 -23.81
C4 PEG AA . -14.85 10.82 -23.74
O4 PEG AA . -14.17 10.26 -24.83
C1 PEG BA . -29.31 29.71 -11.00
C2 PEG BA . -29.06 29.45 -9.52
O2 PEG BA . -29.72 28.26 -9.17
C3 PEG BA . -29.74 27.99 -7.80
C4 PEG BA . -30.38 26.62 -7.59
O4 PEG BA . -29.56 25.65 -8.18
C1 PEG CA . -50.23 17.79 -15.73
C2 PEG CA . -49.07 18.78 -15.57
O2 PEG CA . -49.58 20.06 -15.33
C3 PEG CA . -48.60 21.06 -15.35
C4 PEG CA . -48.78 21.97 -14.13
O4 PEG CA . -49.25 21.20 -13.06
NA NA DA . -24.45 7.01 2.46
NA NA EA . -21.60 26.74 -16.52
NA NA FA . -29.23 3.14 -27.52
NA NA GA . -51.78 11.63 -10.98
NA NA HA . -31.56 7.10 -30.00
NA NA IA . -48.39 14.32 -20.73
NA NA JA . -53.89 14.58 -5.08
NA NA KA . -37.27 28.39 -21.89
NA NA LA . -33.14 23.94 -4.83
CL CL MA . -43.48 14.07 6.01
CL CL NA . -20.85 -10.46 -15.95
S SO4 OA . 0.11 1.04 -0.98
O1 SO4 OA . 1.02 1.37 -2.08
O2 SO4 OA . -0.91 0.12 -1.46
O3 SO4 OA . 0.87 0.41 0.10
O4 SO4 OA . -0.51 2.26 -0.50
S SO4 PA . -0.98 -16.34 -17.55
O1 SO4 PA . -1.06 -15.07 -18.27
O2 SO4 PA . -0.81 -17.43 -18.51
O3 SO4 PA . -2.20 -16.55 -16.78
O4 SO4 PA . 0.16 -16.31 -16.65
S SO4 QA . 2.58 6.67 -0.88
O1 SO4 QA . 2.21 7.41 -2.09
O2 SO4 QA . 3.91 6.08 -1.05
O3 SO4 QA . 1.60 5.61 -0.64
O4 SO4 QA . 2.60 7.59 0.25
S SO4 RA . 27.21 3.57 -2.94
O1 SO4 RA . 26.42 4.46 -3.79
O2 SO4 RA . 28.57 3.51 -3.46
O3 SO4 RA . 26.61 2.24 -2.96
O4 SO4 RA . 27.24 4.10 -1.57
C1 5YA SA . 15.55 -19.24 -20.71
C2 5YA SA . 15.47 -17.86 -20.52
C3 5YA SA . 14.58 -17.08 -21.26
C4 5YA SA . 13.75 -17.70 -22.24
C5 5YA SA . 13.83 -19.12 -22.44
C6 5YA SA . 14.75 -19.88 -21.66
C7 5YA SA . 12.82 -16.95 -23.04
C8 5YA SA . 12.03 -17.60 -23.98
O1 5YA SA . 14.42 -10.83 -19.30
C9 5YA SA . 12.13 -18.97 -24.16
C10 5YA SA . 13.01 -19.74 -23.41
C11 5YA SA . 14.52 -15.61 -21.03
C12 5YA SA . 15.06 -14.74 -21.97
C13 5YA SA . 15.03 -13.38 -21.76
N1 5YA SA . 14.45 -10.60 -21.51
C14 5YA SA . 14.46 -12.85 -20.62
C15 5YA SA . 13.93 -13.72 -19.67
C16 5YA SA . 13.95 -15.09 -19.87
C17 5YA SA . 14.44 -11.35 -20.42
O2 5YA SA . 14.43 -9.20 -21.40
ZN ZN TA . 14.23 -9.02 -22.61
O37 PE3 UA . 15.66 -14.32 -7.22
C36 PE3 UA . 16.26 -13.42 -6.33
C35 PE3 UA . 17.47 -12.80 -7.02
O34 PE3 UA . 18.24 -13.81 -7.61
C33 PE3 UA . 19.60 -13.71 -7.35
C1 PEG VA . 21.43 -12.26 -12.72
O1 PEG VA . 20.77 -12.01 -11.51
C2 PEG VA . 21.99 -10.93 -13.23
O2 PEG VA . 22.35 -11.08 -14.58
C3 PEG VA . 23.48 -10.35 -14.95
C4 PEG VA . 23.72 -10.56 -16.45
O4 PEG VA . 23.97 -11.92 -16.67
C1 PEG WA . 19.70 -9.10 -4.16
C2 PEG WA . 19.45 -7.59 -4.27
O2 PEG WA . 20.61 -6.91 -3.87
C3 PEG WA . 20.71 -5.62 -4.44
C4 PEG WA . 20.75 -4.54 -3.36
NA NA XA . 15.62 12.37 -7.41
NA NA YA . 3.59 -21.71 -8.72
NA NA ZA . 23.99 12.78 -16.48
NA NA AB . 22.69 -2.52 -3.96
S SO4 BB . 29.11 -31.84 10.18
O1 SO4 BB . 29.97 -32.86 9.58
O2 SO4 BB . 28.16 -31.35 9.19
O3 SO4 BB . 28.39 -32.40 11.31
O4 SO4 BB . 29.94 -30.73 10.65
C1 5YA CB . 16.90 -17.59 8.70
C2 5YA CB . 18.07 -17.44 9.45
C3 5YA CB . 18.42 -16.20 10.01
C4 5YA CB . 17.57 -15.08 9.79
C5 5YA CB . 16.39 -15.23 9.00
C6 5YA CB . 16.06 -16.51 8.47
C7 5YA CB . 17.89 -13.79 10.31
C8 5YA CB . 17.05 -12.71 10.08
O1 5YA CB . 24.21 -15.10 12.86
C9 5YA CB . 15.89 -12.86 9.33
C10 5YA CB . 15.54 -14.10 8.78
C11 5YA CB . 19.67 -16.09 10.81
C12 5YA CB . 20.92 -16.07 10.20
C13 5YA CB . 22.06 -15.97 10.98
N1 5YA CB . 23.23 -16.38 14.38
C14 5YA CB . 21.98 -15.87 12.36
C15 5YA CB . 20.74 -15.90 12.95
C16 5YA CB . 19.58 -15.99 12.19
C17 5YA CB . 23.23 -15.76 13.22
O2 5YA CB . 24.35 -16.31 15.23
ZN ZN DB . 24.95 -15.72 15.43
C1 PEG EB . 43.80 -12.19 -5.25
O1 PEG EB . 42.72 -11.74 -6.04
C2 PEG EB . 44.64 -13.15 -6.08
O2 PEG EB . 45.65 -13.66 -5.27
C3 PEG EB . 45.51 -15.02 -4.97
C4 PEG EB . 46.66 -15.45 -4.06
O4 PEG EB . 46.30 -16.65 -3.44
C1 PEG FB . 17.43 -9.20 9.37
O1 PEG FB . 17.47 -7.82 9.14
C2 PEG FB . 18.76 -9.80 8.93
O2 PEG FB . 18.87 -9.66 7.54
C3 PEG FB . 18.49 -10.79 6.82
C4 PEG FB . 18.77 -10.53 5.34
O4 PEG FB . 18.31 -11.64 4.61
C1 PEG GB . 22.81 -6.72 -1.79
C2 PEG GB . 23.85 -7.32 -2.71
O2 PEG GB . 23.97 -8.65 -2.31
C3 PEG GB . 23.22 -9.52 -3.10
C4 PEG GB . 22.26 -10.30 -2.22
O4 PEG GB . 21.55 -11.21 -3.00
NA NA HB . 25.42 -3.97 -2.56
ZN ZN IB . 42.38 -19.05 -5.45
CL CL JB . 21.32 -27.50 -5.28
#